data_4O2X
#
_entry.id   4O2X
#
_cell.length_a   97.850
_cell.length_b   97.850
_cell.length_c   298.240
_cell.angle_alpha   90.00
_cell.angle_beta   90.00
_cell.angle_gamma   120.00
#
_symmetry.space_group_name_H-M   'P 61'
#
_entity_poly.entity_id   1
_entity_poly.type   'polypeptide(L)'
_entity_poly.pdbx_seq_one_letter_code
;MKIEEGKLVIWINGDKGYNGLAEVGKKFEKDTGIKVTVEHPDKLEEKFPQVAATGDGPDIIFWAHDRFGGYAQSGLLAEI
TPDKAFQDKLYPFTWDAVRYNGKLIAYPIAVEALSLIYNKDLLPNPPKTWEEIPALDKELKAKGKSALMFNLQEPYFTWP
LIAADGGYAFKYENGKYDIKDVGVDNAGAKAGLTFLVDLIKNKHMNADTDYSIAEAAFNKGETAMTINGPWAWSNIDTSK
VNYGVTVLPTFKGQPSKPFVGVLSAGINAASPNKELAKEFLENYLLTDEGLEAVNKDKPLGAVALKSYEEELAKDPRIAA
TMENAQKGEIMPNIPQMSAFWYAVRTAVINAASGRQTVDEALAAAQTNAAANLEKIKKLRNVIKEIKKDNIKEADEHEKK
EREKETSAWKVILYNDDIHNFTYVTDVIVKVVGQISKAKAHTITVEAHSTGQALILSTWKSKAEKYCQELQQNGLTVSII
HESQLKDKQKKLVPRGSHHHHHHHHHH
;
_entity_poly.pdbx_strand_id   A,B
#
# COMPACT_ATOMS: atom_id res chain seq x y z
N GLU A 5 -19.85 2.04 -15.61
CA GLU A 5 -20.62 2.26 -14.39
C GLU A 5 -21.30 3.64 -14.44
N GLY A 6 -22.60 3.71 -14.15
CA GLY A 6 -23.45 2.55 -14.01
C GLY A 6 -23.98 2.23 -12.61
N LYS A 7 -23.13 1.67 -11.76
CA LYS A 7 -23.58 1.17 -10.46
C LYS A 7 -22.82 1.77 -9.27
N LEU A 8 -23.09 1.26 -8.07
CA LEU A 8 -22.39 1.70 -6.85
C LEU A 8 -21.65 0.57 -6.13
N VAL A 9 -20.37 0.77 -5.85
CA VAL A 9 -19.59 -0.18 -5.08
C VAL A 9 -19.17 0.44 -3.75
N ILE A 10 -19.56 -0.20 -2.64
CA ILE A 10 -19.29 0.31 -1.31
C ILE A 10 -18.35 -0.60 -0.52
N TRP A 11 -17.37 0.00 0.13
CA TRP A 11 -16.48 -0.75 1.01
C TRP A 11 -16.69 -0.36 2.46
N ILE A 12 -17.06 -1.34 3.27
CA ILE A 12 -17.25 -1.11 4.70
C ILE A 12 -16.54 -2.19 5.52
N ASN A 13 -15.98 -1.77 6.65
CA ASN A 13 -15.25 -2.67 7.54
C ASN A 13 -16.07 -3.90 7.99
N GLY A 14 -15.39 -4.98 8.37
CA GLY A 14 -16.09 -6.22 8.69
C GLY A 14 -16.84 -6.31 10.00
N ASP A 15 -16.42 -5.53 10.99
CA ASP A 15 -17.09 -5.50 12.29
C ASP A 15 -18.34 -4.58 12.28
N LYS A 16 -18.72 -4.08 11.11
CA LYS A 16 -19.91 -3.24 10.95
C LYS A 16 -21.04 -4.02 10.28
N GLY A 17 -22.26 -3.49 10.35
CA GLY A 17 -23.43 -4.16 9.81
C GLY A 17 -23.56 -4.30 8.29
N TYR A 18 -22.55 -4.90 7.65
CA TYR A 18 -22.49 -4.93 6.19
C TYR A 18 -23.67 -5.65 5.52
N ASN A 19 -24.52 -6.32 6.29
CA ASN A 19 -25.69 -6.94 5.66
C ASN A 19 -26.87 -6.00 5.72
N GLY A 20 -26.86 -5.14 6.73
CA GLY A 20 -27.89 -4.12 6.83
C GLY A 20 -27.75 -3.10 5.73
N LEU A 21 -26.50 -2.66 5.52
CA LEU A 21 -26.16 -1.72 4.49
C LEU A 21 -26.61 -2.21 3.13
N ALA A 22 -26.45 -3.50 2.89
CA ALA A 22 -26.84 -4.06 1.60
C ALA A 22 -28.34 -4.01 1.40
N GLU A 23 -29.08 -4.07 2.51
CA GLU A 23 -30.52 -4.03 2.49
C GLU A 23 -30.97 -2.61 2.14
N VAL A 24 -30.14 -1.63 2.54
CA VAL A 24 -30.34 -0.25 2.12
C VAL A 24 -30.09 -0.16 0.62
N GLY A 25 -29.05 -0.85 0.16
CA GLY A 25 -28.71 -0.84 -1.25
C GLY A 25 -29.73 -1.62 -2.05
N LYS A 26 -30.36 -2.58 -1.42
CA LYS A 26 -31.39 -3.33 -2.11
C LYS A 26 -32.54 -2.38 -2.39
N LYS A 27 -32.91 -1.58 -1.38
CA LYS A 27 -34.02 -0.65 -1.57
C LYS A 27 -33.69 0.40 -2.62
N PHE A 28 -32.44 0.86 -2.62
CA PHE A 28 -31.96 1.79 -3.62
C PHE A 28 -32.21 1.24 -5.04
N GLU A 29 -31.76 0.01 -5.29
CA GLU A 29 -31.93 -0.61 -6.60
C GLU A 29 -33.38 -0.80 -6.95
N LYS A 30 -34.20 -1.03 -5.93
CA LYS A 30 -35.62 -1.18 -6.17
C LYS A 30 -36.21 0.12 -6.70
N ASP A 31 -35.78 1.24 -6.12
CA ASP A 31 -36.28 2.57 -6.47
C ASP A 31 -35.64 3.15 -7.72
N THR A 32 -34.32 3.02 -7.82
CA THR A 32 -33.55 3.75 -8.82
C THR A 32 -33.13 2.94 -10.05
N GLY A 33 -33.08 1.62 -9.90
CA GLY A 33 -32.57 0.73 -10.91
C GLY A 33 -31.05 0.62 -10.89
N ILE A 34 -30.42 1.32 -9.97
CA ILE A 34 -28.96 1.25 -9.86
C ILE A 34 -28.57 0.19 -8.85
N LYS A 35 -27.77 -0.79 -9.29
CA LYS A 35 -27.38 -1.86 -8.41
C LYS A 35 -26.28 -1.39 -7.48
N VAL A 36 -26.43 -1.69 -6.20
CA VAL A 36 -25.38 -1.40 -5.24
C VAL A 36 -24.96 -2.70 -4.57
N THR A 37 -23.67 -2.97 -4.61
CA THR A 37 -23.14 -4.20 -4.04
C THR A 37 -22.15 -3.83 -2.95
N VAL A 38 -22.35 -4.40 -1.76
CA VAL A 38 -21.50 -4.08 -0.62
C VAL A 38 -20.41 -5.16 -0.43
N GLU A 39 -19.22 -4.73 0.00
CA GLU A 39 -18.09 -5.63 0.16
C GLU A 39 -17.29 -5.28 1.39
N HIS A 40 -16.68 -6.29 2.02
CA HIS A 40 -15.90 -6.07 3.24
C HIS A 40 -14.47 -6.64 3.17
N PRO A 41 -13.57 -5.89 2.51
CA PRO A 41 -12.18 -6.28 2.26
C PRO A 41 -11.29 -6.13 3.50
N ASP A 42 -10.57 -7.19 3.83
CA ASP A 42 -9.61 -7.17 4.93
C ASP A 42 -8.60 -6.05 4.74
N LYS A 43 -8.31 -5.32 5.82
CA LYS A 43 -7.39 -4.18 5.80
C LYS A 43 -7.75 -3.19 4.70
N LEU A 44 -8.98 -2.68 4.74
CA LEU A 44 -9.45 -1.80 3.68
C LEU A 44 -8.95 -0.37 3.85
N GLU A 45 -8.39 -0.02 4.98
CA GLU A 45 -7.89 1.34 5.10
C GLU A 45 -6.55 1.36 4.39
N GLU A 46 -5.95 0.17 4.27
CA GLU A 46 -4.71 -0.01 3.53
C GLU A 46 -4.99 -0.47 2.09
N LYS A 47 -5.96 -1.38 1.93
CA LYS A 47 -6.34 -1.93 0.64
C LYS A 47 -6.98 -0.88 -0.28
N PHE A 48 -7.22 0.31 0.25
CA PHE A 48 -7.93 1.35 -0.50
C PHE A 48 -6.93 2.19 -1.30
N PRO A 49 -5.95 2.84 -0.63
CA PRO A 49 -5.10 3.69 -1.47
C PRO A 49 -4.16 2.92 -2.43
N GLN A 50 -4.04 1.60 -2.26
CA GLN A 50 -3.29 0.77 -3.20
C GLN A 50 -4.16 0.45 -4.42
N VAL A 51 -5.44 0.77 -4.32
CA VAL A 51 -6.40 0.52 -5.40
C VAL A 51 -7.06 1.82 -5.83
N ALA A 52 -6.57 2.95 -5.31
CA ALA A 52 -7.24 4.22 -5.54
C ALA A 52 -6.38 5.21 -6.34
N ALA A 53 -5.08 4.96 -6.45
CA ALA A 53 -4.24 5.74 -7.37
C ALA A 53 -4.43 5.25 -8.80
N THR A 54 -4.60 3.94 -8.95
CA THR A 54 -4.90 3.33 -10.23
C THR A 54 -6.33 3.65 -10.68
N GLY A 55 -7.17 4.01 -9.73
CA GLY A 55 -8.52 4.46 -10.05
C GLY A 55 -9.67 3.51 -9.79
N ASP A 56 -9.43 2.20 -9.81
CA ASP A 56 -10.55 1.26 -9.67
C ASP A 56 -10.65 0.63 -8.28
N GLY A 57 -11.05 1.43 -7.30
CA GLY A 57 -11.37 0.91 -5.99
C GLY A 57 -12.88 0.85 -5.88
N PRO A 58 -13.43 1.36 -4.78
CA PRO A 58 -14.90 1.46 -4.62
C PRO A 58 -15.41 2.88 -4.84
N ASP A 59 -16.71 3.03 -5.01
CA ASP A 59 -17.31 4.35 -5.22
C ASP A 59 -17.36 5.12 -3.92
N ILE A 60 -17.92 4.46 -2.89
CA ILE A 60 -18.01 4.96 -1.52
C ILE A 60 -17.19 4.14 -0.51
N ILE A 61 -16.46 4.80 0.38
CA ILE A 61 -15.73 4.09 1.45
C ILE A 61 -16.09 4.49 2.90
N PHE A 62 -16.40 3.48 3.69
CA PHE A 62 -16.66 3.63 5.12
C PHE A 62 -15.40 3.30 5.94
N TRP A 63 -15.04 4.15 6.92
CA TRP A 63 -13.94 3.79 7.82
C TRP A 63 -13.88 4.51 9.17
N ALA A 64 -13.24 5.67 9.21
CA ALA A 64 -13.14 6.46 10.45
C ALA A 64 -12.46 7.79 10.17
N HIS A 65 -13.04 8.87 10.70
CA HIS A 65 -12.75 10.22 10.23
C HIS A 65 -11.32 10.70 10.37
N ASP A 66 -10.56 10.06 11.25
CA ASP A 66 -9.23 10.56 11.58
C ASP A 66 -8.24 10.23 10.45
N ARG A 67 -8.58 9.24 9.64
CA ARG A 67 -7.71 8.83 8.54
C ARG A 67 -8.10 9.51 7.22
N PHE A 68 -9.12 10.36 7.29
CA PHE A 68 -9.68 10.98 6.10
C PHE A 68 -9.03 12.30 5.73
N GLY A 69 -8.32 12.92 6.68
CA GLY A 69 -7.63 14.15 6.38
C GLY A 69 -6.43 13.95 5.47
N GLY A 70 -5.80 12.78 5.58
CA GLY A 70 -4.64 12.44 4.79
C GLY A 70 -5.03 11.80 3.47
N TYR A 71 -6.20 11.17 3.47
CA TYR A 71 -6.86 10.78 2.24
C TYR A 71 -7.09 12.03 1.38
N ALA A 72 -7.44 13.13 2.02
CA ALA A 72 -7.77 14.38 1.33
C ALA A 72 -6.52 15.15 0.94
N GLN A 73 -5.45 15.02 1.72
CA GLN A 73 -4.18 15.65 1.36
C GLN A 73 -3.62 14.97 0.11
N SER A 74 -4.02 13.71 -0.10
CA SER A 74 -3.72 13.00 -1.34
C SER A 74 -4.77 13.21 -2.43
N GLY A 75 -5.73 14.11 -2.18
CA GLY A 75 -6.81 14.39 -3.11
C GLY A 75 -7.58 13.16 -3.57
N LEU A 76 -7.56 12.12 -2.75
CA LEU A 76 -8.06 10.80 -3.09
C LEU A 76 -9.56 10.69 -2.78
N LEU A 77 -10.12 11.77 -2.26
CA LEU A 77 -11.50 11.77 -1.85
C LEU A 77 -12.18 13.00 -2.41
N ALA A 78 -13.38 12.80 -2.94
CA ALA A 78 -14.15 13.86 -3.55
C ALA A 78 -14.80 14.75 -2.51
N GLU A 79 -14.99 16.02 -2.83
CA GLU A 79 -15.65 16.90 -1.89
C GLU A 79 -17.16 16.72 -1.90
N ILE A 80 -17.70 16.34 -0.76
CA ILE A 80 -19.13 16.17 -0.64
C ILE A 80 -19.79 17.53 -0.53
N THR A 81 -21.02 17.59 -1.02
CA THR A 81 -21.73 18.86 -1.19
C THR A 81 -23.12 18.82 -0.54
N PRO A 82 -23.20 18.50 0.76
CA PRO A 82 -24.54 18.52 1.33
C PRO A 82 -25.07 19.92 1.44
N ASP A 83 -26.37 20.07 1.61
CA ASP A 83 -26.94 21.40 1.72
C ASP A 83 -27.30 21.74 3.15
N LYS A 84 -27.49 23.03 3.40
CA LYS A 84 -27.95 23.56 4.68
C LYS A 84 -28.91 22.63 5.40
N ALA A 85 -30.05 22.36 4.78
CA ALA A 85 -31.11 21.56 5.37
C ALA A 85 -30.62 20.20 5.77
N PHE A 86 -29.69 19.65 4.99
CA PHE A 86 -29.21 18.32 5.28
C PHE A 86 -28.21 18.32 6.41
N GLN A 87 -27.24 19.23 6.35
CA GLN A 87 -26.25 19.35 7.41
C GLN A 87 -26.93 19.56 8.77
N ASP A 88 -27.99 20.34 8.80
CA ASP A 88 -28.67 20.69 10.04
C ASP A 88 -29.31 19.49 10.67
N LYS A 89 -29.34 18.39 9.91
CA LYS A 89 -30.00 17.19 10.39
C LYS A 89 -29.02 16.30 11.18
N LEU A 90 -27.72 16.57 11.05
CA LEU A 90 -26.69 15.88 11.83
C LEU A 90 -26.02 16.79 12.88
N TYR A 91 -25.54 16.21 13.98
CA TYR A 91 -24.89 16.98 15.05
C TYR A 91 -23.76 17.76 14.44
N PRO A 92 -23.72 19.09 14.69
CA PRO A 92 -22.70 20.00 14.17
C PRO A 92 -21.30 19.51 14.32
N PHE A 93 -20.95 19.01 15.50
CA PHE A 93 -19.58 18.63 15.75
C PHE A 93 -19.15 17.44 14.89
N THR A 94 -20.10 16.59 14.49
CA THR A 94 -19.74 15.46 13.64
C THR A 94 -19.27 15.98 12.27
N TRP A 95 -19.78 17.12 11.84
CA TRP A 95 -19.31 17.66 10.56
C TRP A 95 -17.87 18.13 10.70
N ASP A 96 -17.54 18.80 11.81
CA ASP A 96 -16.17 19.23 12.08
C ASP A 96 -15.18 18.09 11.98
N ALA A 97 -15.64 16.89 12.28
CA ALA A 97 -14.79 15.69 12.18
C ALA A 97 -14.49 15.31 10.73
N VAL A 98 -15.30 15.78 9.79
CA VAL A 98 -15.09 15.39 8.41
C VAL A 98 -14.90 16.64 7.59
N ARG A 99 -13.66 17.09 7.53
CA ARG A 99 -13.34 18.41 7.06
C ARG A 99 -11.83 18.53 6.93
N TYR A 100 -11.39 19.07 5.81
CA TYR A 100 -10.01 19.41 5.57
C TYR A 100 -9.91 20.52 4.54
N ASN A 101 -9.10 21.52 4.86
CA ASN A 101 -8.99 22.75 4.08
C ASN A 101 -10.35 23.40 3.86
N GLY A 102 -11.02 23.77 4.94
CA GLY A 102 -12.28 24.47 4.86
C GLY A 102 -13.41 23.72 4.16
N LYS A 103 -13.22 22.42 3.91
CA LYS A 103 -14.11 21.68 3.01
C LYS A 103 -14.53 20.30 3.51
N LEU A 104 -15.83 20.04 3.51
CA LEU A 104 -16.38 18.73 3.92
C LEU A 104 -15.86 17.61 3.01
N ILE A 105 -15.41 16.53 3.63
CA ILE A 105 -14.68 15.47 2.94
C ILE A 105 -15.40 14.09 2.98
N ALA A 106 -16.36 13.94 3.88
CA ALA A 106 -17.13 12.71 3.98
C ALA A 106 -18.39 12.93 4.79
N TYR A 107 -19.28 11.95 4.75
CA TYR A 107 -20.51 11.96 5.53
C TYR A 107 -20.36 11.23 6.88
N PRO A 108 -20.71 11.89 7.98
CA PRO A 108 -20.73 11.25 9.29
C PRO A 108 -21.83 10.20 9.39
N ILE A 109 -21.50 9.03 9.91
CA ILE A 109 -22.46 7.97 10.13
C ILE A 109 -22.69 7.65 11.62
N ALA A 110 -21.65 7.15 12.27
CA ALA A 110 -21.73 6.78 13.67
C ALA A 110 -20.72 7.56 14.52
N VAL A 111 -21.00 7.65 15.81
CA VAL A 111 -20.20 8.40 16.77
C VAL A 111 -19.83 7.54 17.98
N GLU A 112 -18.53 7.41 18.22
CA GLU A 112 -18.07 6.57 19.30
C GLU A 112 -17.14 7.33 20.23
N ALA A 113 -17.15 6.95 21.51
CA ALA A 113 -16.31 7.55 22.52
C ALA A 113 -16.29 6.67 23.77
N LEU A 114 -15.22 6.77 24.52
CA LEU A 114 -15.09 6.01 25.75
C LEU A 114 -16.10 6.49 26.79
N SER A 115 -16.62 5.56 27.57
CA SER A 115 -17.43 5.90 28.71
C SER A 115 -16.90 5.17 29.95
N LEU A 116 -17.36 5.59 31.12
CA LEU A 116 -17.07 4.88 32.34
C LEU A 116 -18.06 3.75 32.47
N ILE A 117 -17.56 2.52 32.45
CA ILE A 117 -18.39 1.33 32.66
C ILE A 117 -18.23 0.78 34.07
N TYR A 118 -19.33 0.54 34.74
CA TYR A 118 -19.23 0.09 36.13
C TYR A 118 -20.13 -1.09 36.41
N ASN A 119 -19.79 -1.84 37.45
CA ASN A 119 -20.47 -3.05 37.90
C ASN A 119 -21.46 -2.67 38.98
N LYS A 120 -22.75 -2.72 38.67
CA LYS A 120 -23.76 -2.24 39.61
C LYS A 120 -23.85 -2.98 40.94
N ASP A 121 -23.47 -4.25 41.00
CA ASP A 121 -23.49 -5.01 42.25
C ASP A 121 -22.33 -4.62 43.17
N LEU A 122 -21.18 -4.29 42.59
CA LEU A 122 -20.00 -3.86 43.35
C LEU A 122 -20.06 -2.39 43.73
N LEU A 123 -20.69 -1.60 42.88
CA LEU A 123 -20.60 -0.15 42.98
C LEU A 123 -21.87 0.45 42.38
N PRO A 124 -22.95 0.50 43.18
CA PRO A 124 -24.29 0.95 42.77
C PRO A 124 -24.29 2.42 42.33
N ASN A 125 -23.43 3.23 42.96
CA ASN A 125 -23.22 4.63 42.58
C ASN A 125 -21.78 4.94 42.12
N PRO A 126 -21.56 5.00 40.81
CA PRO A 126 -20.22 5.32 40.30
C PRO A 126 -19.80 6.73 40.72
N PRO A 127 -18.48 6.96 40.90
CA PRO A 127 -17.91 8.25 41.30
C PRO A 127 -18.03 9.31 40.23
N LYS A 128 -18.33 10.52 40.67
CA LYS A 128 -18.44 11.63 39.75
C LYS A 128 -17.04 12.20 39.52
N THR A 129 -16.11 11.93 40.43
CA THR A 129 -14.74 12.47 40.30
C THR A 129 -13.63 11.42 40.25
N TRP A 130 -12.54 11.75 39.57
CA TRP A 130 -11.38 10.87 39.59
C TRP A 130 -10.82 10.84 40.97
N GLU A 131 -10.83 11.99 41.61
CA GLU A 131 -10.18 12.17 42.92
C GLU A 131 -10.68 11.18 43.98
N GLU A 132 -11.95 10.76 43.87
CA GLU A 132 -12.52 9.92 44.90
C GLU A 132 -12.24 8.44 44.64
N ILE A 133 -11.58 8.16 43.51
CA ILE A 133 -11.25 6.77 43.15
C ILE A 133 -10.17 6.12 44.03
N PRO A 134 -9.11 6.85 44.41
CA PRO A 134 -8.14 6.21 45.34
C PRO A 134 -8.78 5.65 46.61
N ALA A 135 -9.64 6.40 47.27
CA ALA A 135 -10.34 5.89 48.47
C ALA A 135 -11.22 4.70 48.15
N LEU A 136 -11.98 4.82 47.06
CA LEU A 136 -12.84 3.77 46.56
C LEU A 136 -12.05 2.47 46.48
N ASP A 137 -10.90 2.54 45.82
CA ASP A 137 -10.05 1.38 45.68
C ASP A 137 -9.56 0.80 47.04
N LYS A 138 -9.08 1.65 47.94
CA LYS A 138 -8.69 1.19 49.27
C LYS A 138 -9.80 0.37 49.93
N GLU A 139 -11.04 0.79 49.74
CA GLU A 139 -12.18 0.10 50.33
C GLU A 139 -12.37 -1.26 49.66
N LEU A 140 -12.53 -1.26 48.33
CA LEU A 140 -12.67 -2.48 47.55
C LEU A 140 -11.50 -3.45 47.71
N LYS A 141 -10.28 -2.92 47.84
CA LYS A 141 -9.09 -3.77 47.98
C LYS A 141 -9.23 -4.64 49.24
N ALA A 142 -9.79 -4.06 50.29
CA ALA A 142 -10.04 -4.78 51.53
C ALA A 142 -11.11 -5.87 51.34
N LYS A 143 -12.06 -5.62 50.47
CA LYS A 143 -13.11 -6.60 50.18
C LYS A 143 -12.67 -7.63 49.12
N GLY A 144 -11.38 -7.67 48.81
CA GLY A 144 -10.85 -8.69 47.91
C GLY A 144 -10.94 -8.41 46.41
N LYS A 145 -11.22 -7.16 46.06
CA LYS A 145 -11.41 -6.76 44.67
C LYS A 145 -10.51 -5.56 44.35
N SER A 146 -10.97 -4.74 43.40
CA SER A 146 -10.28 -3.49 43.02
C SER A 146 -11.29 -2.51 42.43
N ALA A 147 -10.93 -1.23 42.37
CA ALA A 147 -11.88 -0.23 41.89
C ALA A 147 -11.92 -0.10 40.35
N LEU A 148 -10.75 -0.06 39.72
CA LEU A 148 -10.65 0.32 38.31
C LEU A 148 -9.55 -0.45 37.58
N MET A 149 -9.87 -0.97 36.40
CA MET A 149 -8.88 -1.46 35.46
C MET A 149 -9.26 -1.05 34.06
N PHE A 150 -8.39 -0.28 33.44
CA PHE A 150 -8.54 0.01 32.03
C PHE A 150 -7.20 -0.08 31.36
N ASN A 151 -7.18 0.12 30.05
CA ASN A 151 -5.95 -0.07 29.32
C ASN A 151 -4.97 1.08 29.49
N LEU A 152 -3.94 0.89 30.31
CA LEU A 152 -2.95 1.95 30.55
C LEU A 152 -1.94 2.05 29.43
N GLN A 153 -1.79 0.98 28.66
CA GLN A 153 -0.77 0.86 27.62
C GLN A 153 -0.99 1.72 26.37
N GLU A 154 -2.21 2.16 26.14
CA GLU A 154 -2.54 2.91 24.94
C GLU A 154 -3.08 4.30 25.21
N PRO A 155 -2.51 5.31 24.54
CA PRO A 155 -2.85 6.72 24.74
C PRO A 155 -4.31 7.04 24.51
N TYR A 156 -4.97 6.31 23.60
CA TYR A 156 -6.40 6.51 23.38
C TYR A 156 -7.24 6.37 24.67
N PHE A 157 -6.78 5.51 25.59
CA PHE A 157 -7.50 5.21 26.85
C PHE A 157 -7.09 6.08 28.04
N THR A 158 -5.84 6.55 28.05
CA THR A 158 -5.36 7.36 29.14
C THR A 158 -5.54 8.87 28.85
N TRP A 159 -5.68 9.23 27.57
CA TRP A 159 -5.89 10.63 27.20
C TRP A 159 -7.10 11.32 27.84
N PRO A 160 -8.22 10.60 28.06
CA PRO A 160 -9.35 11.33 28.65
C PRO A 160 -9.02 12.00 29.98
N LEU A 161 -8.13 11.43 30.77
CA LEU A 161 -7.68 12.04 32.01
C LEU A 161 -6.59 13.11 31.80
N ILE A 162 -5.60 12.78 30.98
CA ILE A 162 -4.51 13.70 30.68
C ILE A 162 -4.99 15.03 30.06
N ALA A 163 -6.11 15.01 29.34
CA ALA A 163 -6.56 16.22 28.63
C ALA A 163 -7.61 17.02 29.40
N ALA A 164 -8.18 16.40 30.43
CA ALA A 164 -9.30 16.98 31.18
C ALA A 164 -9.05 18.43 31.60
N ASP A 165 -7.93 18.67 32.26
CA ASP A 165 -7.68 19.95 32.88
C ASP A 165 -6.99 20.90 31.90
N GLY A 166 -6.87 20.51 30.64
CA GLY A 166 -6.31 21.41 29.66
C GLY A 166 -5.39 20.87 28.58
N GLY A 167 -5.14 19.56 28.57
CA GLY A 167 -4.36 18.96 27.51
C GLY A 167 -5.04 19.04 26.14
N TYR A 168 -4.26 19.13 25.08
CA TYR A 168 -4.80 19.01 23.72
C TYR A 168 -3.74 18.50 22.75
N ALA A 169 -4.17 17.93 21.63
CA ALA A 169 -3.23 17.34 20.68
C ALA A 169 -2.54 18.43 19.86
N PHE A 170 -3.27 19.03 18.93
CA PHE A 170 -2.80 20.18 18.18
C PHE A 170 -3.86 21.30 18.25
N LYS A 171 -3.42 22.56 18.35
CA LYS A 171 -4.36 23.70 18.38
C LYS A 171 -5.14 23.86 17.10
N TYR A 172 -6.42 24.23 17.21
CA TYR A 172 -7.27 24.42 16.03
C TYR A 172 -7.50 25.89 15.73
N GLU A 173 -7.17 26.28 14.49
CA GLU A 173 -7.22 27.68 14.04
C GLU A 173 -8.28 27.88 12.95
N ASN A 174 -9.27 26.99 12.95
CA ASN A 174 -10.38 26.96 11.98
C ASN A 174 -9.93 26.35 10.66
N GLY A 175 -10.48 25.19 10.34
CA GLY A 175 -10.15 24.48 9.12
C GLY A 175 -8.78 23.82 9.12
N LYS A 176 -7.77 24.53 9.62
CA LYS A 176 -6.41 23.98 9.70
C LYS A 176 -5.99 23.65 11.13
N TYR A 177 -5.32 22.52 11.31
CA TYR A 177 -4.65 22.23 12.58
C TYR A 177 -3.28 22.87 12.54
N ASP A 178 -2.77 23.23 13.71
CA ASP A 178 -1.45 23.81 13.79
C ASP A 178 -0.50 22.80 14.41
N ILE A 179 0.23 22.04 13.58
CA ILE A 179 1.08 20.97 14.08
C ILE A 179 2.29 21.50 14.83
N LYS A 180 2.40 22.82 14.99
CA LYS A 180 3.49 23.41 15.75
C LYS A 180 3.00 23.85 17.14
N ASP A 181 1.70 23.68 17.39
CA ASP A 181 1.13 24.06 18.68
C ASP A 181 0.56 22.81 19.35
N VAL A 182 1.42 22.13 20.09
CA VAL A 182 1.06 20.88 20.74
C VAL A 182 0.71 21.16 22.20
N GLY A 183 -0.31 20.46 22.70
CA GLY A 183 -0.82 20.72 24.03
C GLY A 183 -0.63 19.57 25.01
N VAL A 184 0.49 18.89 24.89
CA VAL A 184 0.77 17.70 25.67
C VAL A 184 1.52 18.06 26.97
N ASP A 185 2.02 19.30 27.03
CA ASP A 185 3.00 19.72 28.04
C ASP A 185 2.58 20.97 28.82
N ASN A 186 1.31 21.33 28.77
CA ASN A 186 0.84 22.46 29.58
C ASN A 186 0.44 21.99 30.99
N ALA A 187 -0.04 22.91 31.82
CA ALA A 187 -0.30 22.61 33.23
C ALA A 187 -1.35 21.51 33.42
N GLY A 188 -2.35 21.50 32.55
CA GLY A 188 -3.44 20.53 32.60
C GLY A 188 -3.00 19.09 32.37
N ALA A 189 -2.19 18.88 31.34
CA ALA A 189 -1.72 17.53 31.01
C ALA A 189 -0.79 16.99 32.09
N LYS A 190 0.10 17.85 32.57
CA LYS A 190 0.95 17.50 33.71
C LYS A 190 0.10 17.05 34.92
N ALA A 191 -1.01 17.73 35.15
CA ALA A 191 -1.85 17.39 36.29
C ALA A 191 -2.53 16.02 36.10
N GLY A 192 -3.14 15.84 34.94
CA GLY A 192 -3.76 14.57 34.56
C GLY A 192 -2.78 13.40 34.63
N LEU A 193 -1.64 13.53 33.98
CA LEU A 193 -0.68 12.42 33.95
C LEU A 193 -0.11 12.15 35.34
N THR A 194 0.05 13.20 36.14
CA THR A 194 0.48 13.04 37.52
C THR A 194 -0.57 12.24 38.31
N PHE A 195 -1.84 12.54 38.11
CA PHE A 195 -2.86 11.76 38.79
C PHE A 195 -2.75 10.30 38.40
N LEU A 196 -2.66 10.03 37.10
CA LEU A 196 -2.63 8.65 36.60
C LEU A 196 -1.39 7.93 37.14
N VAL A 197 -0.24 8.59 37.03
CA VAL A 197 1.00 8.00 37.53
C VAL A 197 0.91 7.77 39.05
N ASP A 198 0.27 8.68 39.77
CA ASP A 198 0.10 8.43 41.21
C ASP A 198 -0.83 7.25 41.49
N LEU A 199 -1.89 7.07 40.70
CA LEU A 199 -2.76 5.89 40.86
C LEU A 199 -1.90 4.63 40.87
N ILE A 200 -0.88 4.61 40.01
CA ILE A 200 0.01 3.45 39.91
C ILE A 200 1.05 3.38 41.02
N LYS A 201 1.63 4.51 41.39
CA LYS A 201 2.59 4.52 42.50
C LYS A 201 1.92 4.07 43.81
N ASN A 202 0.71 4.58 44.07
CA ASN A 202 -0.06 4.15 45.25
C ASN A 202 -0.68 2.74 45.13
N LYS A 203 -0.25 1.96 44.14
CA LYS A 203 -0.65 0.57 43.99
C LYS A 203 -2.14 0.32 43.75
N HIS A 204 -2.86 1.35 43.30
CA HIS A 204 -4.30 1.26 43.06
C HIS A 204 -4.61 0.53 41.75
N MET A 205 -3.66 0.61 40.82
CA MET A 205 -3.70 -0.09 39.55
C MET A 205 -2.35 -0.67 39.23
N ASN A 206 -2.32 -1.83 38.58
CA ASN A 206 -1.08 -2.43 38.14
C ASN A 206 -0.60 -1.73 36.87
N ALA A 207 0.68 -1.43 36.79
CA ALA A 207 1.17 -0.70 35.63
C ALA A 207 1.14 -1.55 34.36
N ASP A 208 1.05 -2.87 34.52
CA ASP A 208 1.10 -3.80 33.39
C ASP A 208 -0.26 -3.91 32.70
N THR A 209 -1.24 -3.20 33.24
CA THR A 209 -2.64 -3.47 32.92
C THR A 209 -2.94 -3.08 31.48
N ASP A 210 -3.47 -4.03 30.74
CA ASP A 210 -3.74 -3.83 29.32
C ASP A 210 -5.22 -4.09 28.99
N TYR A 211 -5.58 -4.01 27.71
CA TYR A 211 -6.98 -4.18 27.27
C TYR A 211 -7.57 -5.55 27.67
N SER A 212 -6.76 -6.58 27.51
CA SER A 212 -7.18 -7.95 27.73
C SER A 212 -7.38 -8.28 29.21
N ILE A 213 -6.46 -7.80 30.04
CA ILE A 213 -6.55 -7.97 31.48
C ILE A 213 -7.77 -7.23 32.00
N ALA A 214 -7.96 -6.01 31.51
CA ALA A 214 -9.03 -5.15 31.98
C ALA A 214 -10.39 -5.73 31.59
N GLU A 215 -10.52 -6.18 30.35
CA GLU A 215 -11.78 -6.77 29.91
C GLU A 215 -12.11 -8.04 30.72
N ALA A 216 -11.12 -8.93 30.89
CA ALA A 216 -11.33 -10.15 31.67
C ALA A 216 -11.76 -9.82 33.08
N ALA A 217 -11.02 -8.90 33.71
CA ALA A 217 -11.20 -8.59 35.12
C ALA A 217 -12.55 -7.97 35.40
N PHE A 218 -12.94 -7.03 34.54
CA PHE A 218 -14.24 -6.43 34.71
C PHE A 218 -15.36 -7.44 34.43
N ASN A 219 -15.18 -8.25 33.39
CA ASN A 219 -16.21 -9.18 32.96
C ASN A 219 -16.34 -10.37 33.94
N LYS A 220 -15.29 -10.63 34.70
CA LYS A 220 -15.30 -11.69 35.68
C LYS A 220 -15.92 -11.20 37.00
N GLY A 221 -16.12 -9.89 37.13
CA GLY A 221 -16.59 -9.30 38.37
C GLY A 221 -15.53 -9.06 39.43
N GLU A 222 -14.27 -8.94 39.00
CA GLU A 222 -13.14 -8.75 39.91
C GLU A 222 -12.75 -7.29 40.11
N THR A 223 -13.15 -6.44 39.18
CA THR A 223 -12.89 -5.01 39.30
C THR A 223 -14.22 -4.26 39.09
N ALA A 224 -14.41 -3.15 39.78
CA ALA A 224 -15.72 -2.49 39.81
C ALA A 224 -15.95 -1.53 38.64
N MET A 225 -14.89 -1.11 38.00
CA MET A 225 -15.03 -0.16 36.91
C MET A 225 -14.05 -0.45 35.79
N THR A 226 -14.39 0.01 34.61
CA THR A 226 -13.44 -0.08 33.52
C THR A 226 -13.74 1.04 32.56
N ILE A 227 -12.83 1.34 31.65
CA ILE A 227 -13.07 2.39 30.66
C ILE A 227 -12.98 1.84 29.24
N ASN A 228 -14.11 1.84 28.53
CA ASN A 228 -14.16 1.25 27.21
C ASN A 228 -15.26 1.84 26.37
N GLY A 229 -15.39 1.34 25.13
CA GLY A 229 -16.34 1.88 24.18
C GLY A 229 -17.45 0.90 23.82
N PRO A 230 -18.46 1.37 23.05
CA PRO A 230 -19.61 0.54 22.69
C PRO A 230 -19.25 -0.83 22.13
N TRP A 231 -18.11 -0.92 21.45
CA TRP A 231 -17.63 -2.17 20.86
C TRP A 231 -17.42 -3.28 21.89
N ALA A 232 -17.42 -2.92 23.16
CA ALA A 232 -17.10 -3.86 24.20
C ALA A 232 -18.34 -4.36 24.96
N TRP A 233 -19.47 -3.69 24.76
CA TRP A 233 -20.71 -4.01 25.46
C TRP A 233 -21.17 -5.45 25.27
N SER A 234 -21.09 -5.94 24.04
CA SER A 234 -21.46 -7.31 23.73
C SER A 234 -20.82 -8.32 24.69
N ASN A 235 -19.52 -8.21 24.89
CA ASN A 235 -18.84 -9.17 25.73
C ASN A 235 -19.26 -9.14 27.20
N ILE A 236 -19.71 -7.97 27.67
CA ILE A 236 -20.12 -7.89 29.05
C ILE A 236 -21.52 -8.48 29.15
N ASP A 237 -22.32 -8.27 28.10
CA ASP A 237 -23.67 -8.84 28.02
C ASP A 237 -23.61 -10.35 28.24
N THR A 238 -22.80 -11.04 27.44
CA THR A 238 -22.55 -12.45 27.63
C THR A 238 -22.27 -12.83 29.08
N SER A 239 -21.50 -11.98 29.78
CA SER A 239 -21.07 -12.31 31.13
C SER A 239 -22.19 -11.99 32.12
N LYS A 240 -22.00 -12.43 33.37
CA LYS A 240 -22.99 -12.26 34.44
C LYS A 240 -22.85 -10.95 35.17
N VAL A 241 -22.47 -9.87 34.49
CA VAL A 241 -22.28 -8.61 35.20
C VAL A 241 -23.37 -7.61 34.88
N ASN A 242 -24.15 -7.26 35.87
CA ASN A 242 -25.14 -6.21 35.69
C ASN A 242 -24.32 -4.92 35.63
N TYR A 243 -24.18 -4.33 34.44
CA TYR A 243 -23.30 -3.19 34.31
C TYR A 243 -23.99 -1.91 33.90
N GLY A 244 -23.44 -0.78 34.31
CA GLY A 244 -23.89 0.51 33.82
C GLY A 244 -22.83 1.17 32.96
N VAL A 245 -23.30 2.10 32.13
CA VAL A 245 -22.44 2.88 31.26
C VAL A 245 -22.80 4.35 31.47
N THR A 246 -21.85 5.11 32.00
CA THR A 246 -22.12 6.48 32.42
C THR A 246 -21.07 7.52 31.94
N VAL A 247 -21.25 8.75 32.37
CA VAL A 247 -20.31 9.82 32.09
C VAL A 247 -18.98 9.52 32.78
N LEU A 248 -17.88 9.84 32.08
CA LEU A 248 -16.54 9.65 32.65
C LEU A 248 -16.38 10.62 33.81
N PRO A 249 -15.53 10.25 34.78
CA PRO A 249 -15.33 11.07 35.98
C PRO A 249 -14.67 12.40 35.68
N THR A 250 -14.99 13.44 36.44
CA THR A 250 -14.27 14.70 36.28
C THR A 250 -12.90 14.64 36.94
N PHE A 251 -12.06 15.60 36.56
CA PHE A 251 -10.76 15.79 37.17
C PHE A 251 -10.53 17.28 37.32
N LYS A 252 -10.17 17.72 38.53
CA LYS A 252 -10.07 19.13 38.89
C LYS A 252 -11.34 19.88 38.48
N GLY A 253 -12.49 19.21 38.60
CA GLY A 253 -13.78 19.81 38.32
C GLY A 253 -14.16 19.78 36.85
N GLN A 254 -13.22 19.38 36.01
CA GLN A 254 -13.43 19.44 34.57
C GLN A 254 -13.74 18.06 34.04
N PRO A 255 -14.62 17.98 33.04
CA PRO A 255 -14.94 16.67 32.45
C PRO A 255 -13.74 16.07 31.74
N SER A 256 -13.68 14.74 31.73
CA SER A 256 -12.70 14.02 30.94
C SER A 256 -12.97 14.31 29.50
N LYS A 257 -11.92 14.29 28.69
CA LYS A 257 -12.08 14.64 27.30
C LYS A 257 -11.55 13.52 26.43
N PRO A 258 -12.36 12.48 26.26
CA PRO A 258 -11.97 11.37 25.40
C PRO A 258 -11.98 11.79 23.92
N PHE A 259 -11.20 11.08 23.10
CA PHE A 259 -11.21 11.33 21.68
C PHE A 259 -12.50 10.80 21.05
N VAL A 260 -13.07 11.58 20.14
CA VAL A 260 -14.26 11.19 19.40
C VAL A 260 -13.90 10.61 18.06
N GLY A 261 -14.51 9.47 17.73
CA GLY A 261 -14.31 8.80 16.48
C GLY A 261 -15.59 8.69 15.67
N VAL A 262 -15.57 9.24 14.46
CA VAL A 262 -16.74 9.23 13.60
C VAL A 262 -16.63 8.24 12.48
N LEU A 263 -17.52 7.24 12.45
CA LEU A 263 -17.58 6.33 11.32
C LEU A 263 -18.05 7.15 10.13
N SER A 264 -17.27 7.12 9.05
CA SER A 264 -17.49 8.06 7.97
C SER A 264 -17.59 7.41 6.60
N ALA A 265 -18.44 7.97 5.74
CA ALA A 265 -18.56 7.50 4.36
C ALA A 265 -18.12 8.61 3.42
N GLY A 266 -17.00 8.38 2.75
CA GLY A 266 -16.45 9.31 1.78
C GLY A 266 -16.64 8.80 0.37
N ILE A 267 -16.69 9.73 -0.58
CA ILE A 267 -16.90 9.40 -1.99
C ILE A 267 -15.57 9.42 -2.74
N ASN A 268 -15.31 8.38 -3.52
CA ASN A 268 -14.06 8.29 -4.29
C ASN A 268 -13.92 9.36 -5.39
N ALA A 269 -12.71 9.86 -5.57
CA ALA A 269 -12.47 10.90 -6.56
C ALA A 269 -12.55 10.37 -7.99
N ALA A 270 -12.07 9.15 -8.21
CA ALA A 270 -12.17 8.52 -9.53
C ALA A 270 -13.45 7.69 -9.64
N SER A 271 -14.57 8.28 -9.26
CA SER A 271 -15.85 7.64 -9.42
C SER A 271 -16.78 8.49 -10.27
N PRO A 272 -17.25 7.92 -11.38
CA PRO A 272 -18.22 8.59 -12.24
C PRO A 272 -19.57 8.76 -11.54
N ASN A 273 -19.80 7.90 -10.55
CA ASN A 273 -21.09 7.81 -9.91
C ASN A 273 -21.19 8.63 -8.63
N LYS A 274 -20.58 9.81 -8.64
CA LYS A 274 -20.63 10.71 -7.50
C LYS A 274 -22.04 11.18 -7.12
N GLU A 275 -22.87 11.50 -8.10
CA GLU A 275 -24.21 11.99 -7.81
C GLU A 275 -25.13 10.87 -7.32
N LEU A 276 -24.85 9.66 -7.75
CA LEU A 276 -25.62 8.53 -7.30
C LEU A 276 -25.24 8.23 -5.84
N ALA A 277 -23.95 8.28 -5.54
CA ALA A 277 -23.44 8.14 -4.17
C ALA A 277 -24.06 9.17 -3.21
N LYS A 278 -24.07 10.43 -3.63
CA LYS A 278 -24.70 11.48 -2.81
C LYS A 278 -26.15 11.12 -2.54
N GLU A 279 -26.87 10.72 -3.59
CA GLU A 279 -28.28 10.39 -3.42
C GLU A 279 -28.47 9.24 -2.41
N PHE A 280 -27.58 8.25 -2.49
CA PHE A 280 -27.66 7.07 -1.63
C PHE A 280 -27.41 7.44 -0.17
N LEU A 281 -26.31 8.14 0.07
CA LEU A 281 -25.90 8.48 1.41
C LEU A 281 -26.87 9.46 2.07
N GLU A 282 -27.26 10.52 1.36
CA GLU A 282 -28.14 11.56 1.92
C GLU A 282 -29.60 11.15 2.04
N ASN A 283 -30.08 10.36 1.09
CA ASN A 283 -31.50 10.06 0.97
C ASN A 283 -31.95 8.66 1.34
N TYR A 284 -31.01 7.73 1.39
CA TYR A 284 -31.33 6.35 1.74
C TYR A 284 -30.66 5.92 3.03
N LEU A 285 -29.34 6.08 3.10
CA LEU A 285 -28.61 5.63 4.28
C LEU A 285 -28.83 6.58 5.47
N LEU A 286 -28.57 7.87 5.30
CA LEU A 286 -28.72 8.81 6.42
C LEU A 286 -30.17 9.20 6.67
N THR A 287 -30.99 8.17 6.91
CA THR A 287 -32.41 8.32 7.24
C THR A 287 -32.67 7.36 8.38
N ASP A 288 -33.79 7.52 9.08
CA ASP A 288 -34.09 6.63 10.20
C ASP A 288 -34.19 5.18 9.75
N GLU A 289 -34.89 4.94 8.65
CA GLU A 289 -35.04 3.59 8.14
C GLU A 289 -33.67 3.02 7.81
N GLY A 290 -32.83 3.84 7.19
CA GLY A 290 -31.55 3.40 6.70
C GLY A 290 -30.55 3.02 7.77
N LEU A 291 -30.36 3.90 8.75
CA LEU A 291 -29.47 3.58 9.85
C LEU A 291 -30.04 2.42 10.67
N GLU A 292 -31.37 2.39 10.84
CA GLU A 292 -32.03 1.29 11.55
C GLU A 292 -31.77 -0.06 10.90
N ALA A 293 -31.65 -0.10 9.56
CA ALA A 293 -31.38 -1.35 8.85
C ALA A 293 -29.98 -1.86 9.11
N VAL A 294 -29.02 -0.93 9.18
CA VAL A 294 -27.64 -1.30 9.43
C VAL A 294 -27.47 -1.68 10.89
N ASN A 295 -28.08 -0.89 11.74
CA ASN A 295 -28.02 -1.08 13.18
C ASN A 295 -28.73 -2.35 13.62
N LYS A 296 -29.74 -2.78 12.86
CA LYS A 296 -30.46 -4.01 13.18
C LYS A 296 -29.59 -5.23 12.89
N ASP A 297 -28.55 -5.04 12.08
CA ASP A 297 -27.65 -6.13 11.73
C ASP A 297 -26.53 -6.22 12.74
N LYS A 298 -25.87 -5.10 12.98
CA LYS A 298 -24.88 -4.99 14.04
C LYS A 298 -24.82 -3.53 14.48
N PRO A 299 -25.21 -3.26 15.73
CA PRO A 299 -25.35 -1.95 16.35
C PRO A 299 -24.27 -0.94 15.95
N LEU A 300 -24.68 0.29 15.69
CA LEU A 300 -23.76 1.32 15.27
C LEU A 300 -23.16 2.05 16.46
N GLY A 301 -23.89 2.01 17.57
CA GLY A 301 -23.56 2.84 18.71
C GLY A 301 -24.37 4.13 18.68
N ALA A 302 -23.73 5.25 18.96
CA ALA A 302 -24.40 6.53 18.81
C ALA A 302 -24.24 6.94 17.36
N VAL A 303 -25.20 7.71 16.84
CA VAL A 303 -25.12 8.11 15.43
C VAL A 303 -25.12 9.62 15.23
N ALA A 304 -24.65 10.06 14.08
CA ALA A 304 -24.58 11.48 13.77
C ALA A 304 -25.94 12.07 13.37
N LEU A 305 -26.91 11.22 13.04
CA LEU A 305 -28.22 11.69 12.63
C LEU A 305 -29.13 11.93 13.84
N LYS A 306 -29.46 13.20 14.08
CA LYS A 306 -30.23 13.58 15.25
C LYS A 306 -31.52 12.75 15.47
N SER A 307 -32.35 12.63 14.44
CA SER A 307 -33.64 11.95 14.58
C SER A 307 -33.50 10.52 15.11
N TYR A 308 -32.50 9.79 14.64
CA TYR A 308 -32.33 8.40 15.04
C TYR A 308 -31.59 8.28 16.36
N GLU A 309 -30.66 9.21 16.61
CA GLU A 309 -29.94 9.25 17.88
C GLU A 309 -30.91 9.50 19.05
N GLU A 310 -31.85 10.43 18.85
CA GLU A 310 -32.86 10.73 19.87
C GLU A 310 -33.63 9.48 20.23
N GLU A 311 -33.90 8.66 19.22
CA GLU A 311 -34.53 7.36 19.42
C GLU A 311 -33.60 6.40 20.15
N LEU A 312 -32.36 6.26 19.67
CA LEU A 312 -31.39 5.35 20.27
C LEU A 312 -31.02 5.73 21.72
N ALA A 313 -30.94 7.02 22.01
CA ALA A 313 -30.54 7.52 23.34
C ALA A 313 -31.55 7.22 24.45
N LYS A 314 -32.60 6.49 24.11
CA LYS A 314 -33.52 5.97 25.12
C LYS A 314 -32.74 4.94 25.93
N ASP A 315 -31.72 4.39 25.29
CA ASP A 315 -30.69 3.57 25.93
C ASP A 315 -29.68 4.46 26.67
N PRO A 316 -29.60 4.34 27.99
CA PRO A 316 -28.68 5.26 28.65
C PRO A 316 -27.19 4.99 28.30
N ARG A 317 -26.87 3.75 27.89
CA ARG A 317 -25.53 3.42 27.39
C ARG A 317 -25.15 4.26 26.17
N ILE A 318 -26.15 4.52 25.33
CA ILE A 318 -25.93 5.29 24.11
C ILE A 318 -25.99 6.77 24.43
N ALA A 319 -26.86 7.13 25.35
CA ALA A 319 -26.88 8.50 25.86
C ALA A 319 -25.53 8.89 26.42
N ALA A 320 -24.92 7.97 27.17
CA ALA A 320 -23.63 8.22 27.82
C ALA A 320 -22.50 8.31 26.81
N THR A 321 -22.55 7.48 25.79
CA THR A 321 -21.61 7.56 24.72
C THR A 321 -21.60 8.98 24.12
N MET A 322 -22.78 9.55 23.87
CA MET A 322 -22.85 10.86 23.24
C MET A 322 -22.54 11.99 24.22
N GLU A 323 -22.82 11.79 25.50
CA GLU A 323 -22.50 12.81 26.50
C GLU A 323 -20.99 12.89 26.67
N ASN A 324 -20.31 11.74 26.62
CA ASN A 324 -18.87 11.69 26.72
C ASN A 324 -18.24 12.23 25.44
N ALA A 325 -18.81 11.84 24.29
CA ALA A 325 -18.31 12.31 22.99
C ALA A 325 -18.42 13.82 22.84
N GLN A 326 -19.50 14.38 23.38
CA GLN A 326 -19.71 15.81 23.24
C GLN A 326 -18.80 16.58 24.19
N LYS A 327 -18.36 15.91 25.25
CA LYS A 327 -17.43 16.51 26.20
C LYS A 327 -15.98 16.31 25.76
N GLY A 328 -15.77 15.59 24.66
CA GLY A 328 -14.43 15.24 24.20
C GLY A 328 -13.78 16.14 23.16
N GLU A 329 -12.74 15.61 22.51
CA GLU A 329 -12.08 16.30 21.39
C GLU A 329 -12.33 15.47 20.15
N ILE A 330 -12.67 16.13 19.06
CA ILE A 330 -12.69 15.46 17.78
C ILE A 330 -11.26 15.07 17.39
N MET A 331 -11.06 13.77 17.13
CA MET A 331 -9.73 13.25 16.81
C MET A 331 -9.24 13.84 15.51
N PRO A 332 -8.16 14.62 15.57
CA PRO A 332 -7.59 15.28 14.39
C PRO A 332 -7.37 14.29 13.25
N ASN A 333 -7.73 14.70 12.04
CA ASN A 333 -7.70 13.83 10.85
C ASN A 333 -6.36 13.82 10.12
N ILE A 334 -5.50 14.77 10.45
CA ILE A 334 -4.21 14.87 9.80
C ILE A 334 -3.25 13.74 10.21
N PRO A 335 -2.25 13.42 9.37
CA PRO A 335 -1.36 12.27 9.60
C PRO A 335 -0.18 12.53 10.57
N GLN A 336 -0.05 13.76 11.04
CA GLN A 336 0.94 14.11 12.05
C GLN A 336 0.55 13.47 13.38
N MET A 337 -0.71 13.05 13.42
CA MET A 337 -1.27 12.38 14.55
C MET A 337 -0.46 11.13 14.92
N SER A 338 0.16 10.55 13.91
CA SER A 338 1.02 9.41 14.13
C SER A 338 2.16 9.75 15.11
N ALA A 339 2.67 10.98 15.00
CA ALA A 339 3.72 11.44 15.91
C ALA A 339 3.17 11.69 17.30
N PHE A 340 2.00 12.34 17.38
CA PHE A 340 1.31 12.52 18.63
C PHE A 340 1.16 11.20 19.37
N TRP A 341 0.57 10.19 18.71
CA TRP A 341 0.36 8.89 19.36
C TRP A 341 1.67 8.31 19.90
N TYR A 342 2.75 8.40 19.12
CA TYR A 342 4.04 7.90 19.62
C TYR A 342 4.49 8.68 20.86
N ALA A 343 4.36 10.00 20.79
CA ALA A 343 4.76 10.89 21.86
C ALA A 343 4.04 10.58 23.18
N VAL A 344 2.70 10.48 23.14
CA VAL A 344 1.94 10.21 24.37
C VAL A 344 2.02 8.74 24.82
N ARG A 345 2.10 7.80 23.88
CA ARG A 345 2.35 6.39 24.25
C ARG A 345 3.64 6.29 25.06
N THR A 346 4.69 6.95 24.59
CA THR A 346 6.00 6.85 25.23
C THR A 346 6.06 7.61 26.57
N ALA A 347 5.39 8.75 26.67
CA ALA A 347 5.41 9.52 27.91
C ALA A 347 4.72 8.74 29.03
N VAL A 348 3.52 8.25 28.77
CA VAL A 348 2.80 7.49 29.77
C VAL A 348 3.57 6.25 30.21
N ILE A 349 4.02 5.44 29.27
CA ILE A 349 4.79 4.24 29.58
C ILE A 349 5.98 4.61 30.48
N ASN A 350 6.75 5.62 30.08
CA ASN A 350 7.93 6.05 30.85
C ASN A 350 7.65 6.73 32.18
N ALA A 351 6.65 7.60 32.23
CA ALA A 351 6.29 8.26 33.47
C ALA A 351 5.75 7.27 34.53
N ALA A 352 4.89 6.36 34.08
CA ALA A 352 4.26 5.37 34.94
C ALA A 352 5.21 4.29 35.43
N SER A 353 6.39 4.21 34.82
CA SER A 353 7.33 3.15 35.16
C SER A 353 8.43 3.63 36.10
N GLY A 354 8.61 4.95 36.18
CA GLY A 354 9.71 5.53 36.94
C GLY A 354 10.91 5.89 36.09
N ARG A 355 10.93 5.55 34.80
CA ARG A 355 12.10 5.88 33.99
C ARG A 355 12.20 7.41 33.75
N GLN A 356 11.08 8.11 33.80
CA GLN A 356 11.11 9.58 33.68
C GLN A 356 10.15 10.22 34.65
N THR A 357 10.43 11.47 34.96
CA THR A 357 9.52 12.32 35.67
C THR A 357 8.35 12.62 34.72
N VAL A 358 7.19 12.93 35.28
CA VAL A 358 6.07 13.37 34.47
C VAL A 358 6.44 14.57 33.58
N ASP A 359 7.09 15.56 34.18
CA ASP A 359 7.46 16.80 33.48
C ASP A 359 8.43 16.64 32.31
N GLU A 360 9.35 15.67 32.41
CA GLU A 360 10.32 15.42 31.35
C GLU A 360 9.75 14.48 30.29
N ALA A 361 8.85 13.58 30.70
CA ALA A 361 8.19 12.69 29.76
C ALA A 361 7.33 13.53 28.82
N LEU A 362 6.60 14.47 29.40
CA LEU A 362 5.78 15.35 28.60
C LEU A 362 6.60 16.42 27.85
N ALA A 363 7.71 16.87 28.42
CA ALA A 363 8.55 17.84 27.71
C ALA A 363 9.08 17.25 26.41
N ALA A 364 9.45 15.97 26.47
CA ALA A 364 9.91 15.26 25.30
C ALA A 364 8.77 14.97 24.35
N ALA A 365 7.57 14.72 24.88
CA ALA A 365 6.43 14.36 24.04
C ALA A 365 5.96 15.57 23.25
N GLN A 366 6.11 16.76 23.81
CA GLN A 366 5.74 17.96 23.07
C GLN A 366 6.61 18.14 21.84
N THR A 367 7.88 17.77 21.93
CA THR A 367 8.78 17.93 20.77
C THR A 367 8.52 16.79 19.79
N ASN A 368 8.38 15.58 20.30
CA ASN A 368 8.17 14.41 19.46
C ASN A 368 6.85 14.48 18.69
N ALA A 369 5.85 15.07 19.33
CA ALA A 369 4.53 15.19 18.74
C ALA A 369 4.53 16.18 17.56
N ALA A 370 5.41 17.17 17.62
CA ALA A 370 5.47 18.21 16.60
C ALA A 370 6.61 17.91 15.66
N ALA A 371 7.28 16.79 15.88
CA ALA A 371 8.52 16.51 15.18
C ALA A 371 8.29 16.05 13.77
N ASN A 372 9.36 16.08 12.98
CA ASN A 372 9.35 15.59 11.62
C ASN A 372 8.70 14.22 11.57
N LEU A 373 7.76 14.04 10.66
CA LEU A 373 6.96 12.83 10.69
C LEU A 373 7.77 11.55 10.39
N GLU A 374 8.82 11.67 9.58
CA GLU A 374 9.58 10.49 9.16
C GLU A 374 10.59 10.08 10.21
N LYS A 375 11.20 11.08 10.85
CA LYS A 375 12.17 10.87 11.92
C LYS A 375 11.51 10.12 13.07
N ILE A 376 10.21 10.34 13.27
CA ILE A 376 9.48 9.67 14.34
C ILE A 376 9.11 8.23 13.99
N LYS A 377 8.78 7.97 12.73
CA LYS A 377 8.46 6.62 12.30
C LYS A 377 9.72 5.76 12.28
N LYS A 378 10.86 6.37 11.90
CA LYS A 378 12.14 5.69 12.00
C LYS A 378 12.45 5.28 13.43
N LEU A 379 12.08 6.15 14.37
CA LEU A 379 12.27 5.90 15.79
C LEU A 379 11.49 4.69 16.30
N ARG A 380 10.24 4.53 15.84
CA ARG A 380 9.39 3.46 16.32
C ARG A 380 10.05 2.11 16.10
N ASN A 381 10.74 1.99 14.96
CA ASN A 381 11.40 0.76 14.55
C ASN A 381 12.73 0.53 15.24
N VAL A 382 13.32 1.61 15.74
CA VAL A 382 14.58 1.54 16.47
C VAL A 382 14.44 0.90 17.85
N ILE A 383 13.23 0.49 18.22
CA ILE A 383 13.00 -0.16 19.51
C ILE A 383 12.22 -1.48 19.36
N THR A 406 5.43 -22.04 21.42
CA THR A 406 4.73 -20.75 21.49
C THR A 406 4.71 -20.24 22.93
N SER A 407 4.12 -19.06 23.13
CA SER A 407 4.02 -18.48 24.48
C SER A 407 3.05 -17.29 24.53
N ALA A 408 1.77 -17.56 24.27
CA ALA A 408 0.80 -16.47 24.05
C ALA A 408 -0.40 -16.47 25.01
N TRP A 409 -0.47 -17.46 25.89
CA TRP A 409 -1.57 -17.52 26.84
C TRP A 409 -1.09 -17.22 28.27
N LYS A 410 -1.77 -16.30 28.93
CA LYS A 410 -1.33 -15.82 30.23
C LYS A 410 -2.29 -16.25 31.32
N VAL A 411 -1.75 -16.68 32.45
CA VAL A 411 -2.59 -16.96 33.59
C VAL A 411 -2.48 -15.84 34.62
N ILE A 412 -3.61 -15.26 34.98
CA ILE A 412 -3.59 -14.10 35.84
C ILE A 412 -4.20 -14.35 37.22
N LEU A 413 -3.46 -13.98 38.26
CA LEU A 413 -3.89 -14.14 39.63
C LEU A 413 -4.56 -12.86 40.05
N TYR A 414 -5.73 -12.97 40.70
CA TYR A 414 -6.46 -11.79 41.20
C TYR A 414 -6.36 -11.67 42.70
N ASN A 415 -6.56 -10.46 43.17
CA ASN A 415 -6.77 -10.24 44.59
C ASN A 415 -7.93 -11.04 45.15
N ASP A 416 -7.88 -11.36 46.43
CA ASP A 416 -8.99 -12.00 47.13
C ASP A 416 -8.90 -11.83 48.66
N ASP A 417 -9.77 -12.52 49.38
CA ASP A 417 -9.80 -12.38 50.82
C ASP A 417 -8.85 -13.33 51.53
N ILE A 418 -7.96 -13.98 50.81
CA ILE A 418 -7.03 -14.92 51.44
C ILE A 418 -5.80 -14.16 51.90
N HIS A 419 -5.73 -13.86 53.19
CA HIS A 419 -4.60 -13.13 53.77
C HIS A 419 -3.43 -14.02 54.18
N ASN A 420 -3.66 -15.32 54.14
CA ASN A 420 -2.61 -16.33 54.35
C ASN A 420 -1.77 -16.46 53.08
N PHE A 421 -0.79 -15.57 52.90
CA PHE A 421 0.03 -15.56 51.70
C PHE A 421 0.90 -16.80 51.54
N THR A 422 1.13 -17.47 52.65
CA THR A 422 1.96 -18.67 52.71
C THR A 422 1.26 -19.77 51.95
N TYR A 423 -0.03 -19.93 52.24
CA TYR A 423 -0.85 -20.88 51.51
C TYR A 423 -0.79 -20.61 50.01
N VAL A 424 -1.06 -19.36 49.62
CA VAL A 424 -1.14 -18.99 48.22
C VAL A 424 0.19 -19.19 47.52
N THR A 425 1.25 -18.69 48.16
CA THR A 425 2.61 -18.87 47.66
C THR A 425 2.88 -20.35 47.37
N ASP A 426 2.48 -21.22 48.30
CA ASP A 426 2.70 -22.66 48.18
C ASP A 426 1.93 -23.29 47.03
N VAL A 427 0.68 -22.87 46.85
CA VAL A 427 -0.15 -23.38 45.75
C VAL A 427 0.50 -23.10 44.38
N ILE A 428 0.90 -21.85 44.18
CA ILE A 428 1.58 -21.46 42.94
C ILE A 428 2.80 -22.33 42.70
N VAL A 429 3.56 -22.57 43.76
CA VAL A 429 4.78 -23.37 43.69
C VAL A 429 4.47 -24.81 43.29
N LYS A 430 3.41 -25.37 43.85
CA LYS A 430 3.00 -26.74 43.58
C LYS A 430 2.54 -26.95 42.14
N VAL A 431 1.66 -26.07 41.69
CA VAL A 431 1.06 -26.14 40.36
C VAL A 431 2.03 -25.80 39.22
N VAL A 432 2.71 -24.66 39.32
CA VAL A 432 3.62 -24.17 38.29
C VAL A 432 5.06 -24.66 38.39
N GLY A 433 5.52 -25.39 37.39
CA GLY A 433 6.85 -25.97 37.43
C GLY A 433 8.01 -25.00 37.55
N GLN A 434 8.09 -24.06 36.61
CA GLN A 434 9.15 -23.02 36.61
C GLN A 434 9.33 -22.24 37.93
N ILE A 435 8.21 -21.78 38.47
CA ILE A 435 8.16 -20.74 39.50
C ILE A 435 8.90 -21.11 40.78
N SER A 436 9.81 -20.23 41.22
CA SER A 436 10.44 -20.34 42.53
C SER A 436 9.48 -19.90 43.63
N LYS A 437 9.81 -20.21 44.88
CA LYS A 437 8.97 -19.79 45.99
C LYS A 437 8.92 -18.26 46.09
N ALA A 438 10.07 -17.61 45.90
CA ALA A 438 10.13 -16.16 46.01
C ALA A 438 9.31 -15.51 44.91
N LYS A 439 9.41 -16.01 43.70
CA LYS A 439 8.65 -15.47 42.57
C LYS A 439 7.15 -15.64 42.85
N ALA A 440 6.78 -16.83 43.32
CA ALA A 440 5.40 -17.12 43.67
C ALA A 440 4.88 -16.14 44.72
N HIS A 441 5.72 -15.84 45.71
CA HIS A 441 5.33 -14.92 46.78
C HIS A 441 5.18 -13.49 46.28
N THR A 442 6.09 -13.08 45.41
CA THR A 442 6.04 -11.72 44.87
C THR A 442 4.79 -11.52 44.03
N ILE A 443 4.40 -12.53 43.26
CA ILE A 443 3.16 -12.53 42.48
C ILE A 443 1.96 -12.34 43.41
N THR A 444 1.94 -13.13 44.47
CA THR A 444 0.88 -13.11 45.45
C THR A 444 0.72 -11.70 46.03
N VAL A 445 1.84 -11.08 46.39
CA VAL A 445 1.84 -9.74 46.97
C VAL A 445 1.38 -8.70 45.93
N GLU A 446 1.88 -8.82 44.70
CA GLU A 446 1.54 -7.86 43.64
C GLU A 446 0.04 -7.92 43.31
N ALA A 447 -0.52 -9.12 43.25
CA ALA A 447 -1.95 -9.30 42.95
C ALA A 447 -2.83 -8.70 44.03
N HIS A 448 -2.52 -9.03 45.28
CA HIS A 448 -3.29 -8.49 46.40
C HIS A 448 -3.08 -6.98 46.57
N SER A 449 -1.88 -6.51 46.32
CA SER A 449 -1.66 -5.07 46.36
C SER A 449 -2.36 -4.29 45.22
N THR A 450 -2.12 -4.67 43.96
CA THR A 450 -2.54 -3.85 42.80
C THR A 450 -3.90 -4.25 42.24
N GLY A 451 -4.34 -5.47 42.50
CA GLY A 451 -5.60 -5.95 41.98
C GLY A 451 -5.44 -7.17 41.10
N GLN A 452 -4.23 -7.32 40.56
CA GLN A 452 -3.96 -8.32 39.53
C GLN A 452 -2.46 -8.52 39.37
N ALA A 453 -2.04 -9.74 39.08
CA ALA A 453 -0.63 -9.99 38.74
C ALA A 453 -0.47 -11.18 37.80
N LEU A 454 0.51 -11.09 36.90
CA LEU A 454 0.81 -12.22 36.00
C LEU A 454 1.53 -13.37 36.70
N ILE A 455 1.01 -14.57 36.52
CA ILE A 455 1.64 -15.76 37.05
C ILE A 455 2.61 -16.32 36.02
N LEU A 456 2.13 -16.54 34.79
CA LEU A 456 2.97 -17.10 33.73
C LEU A 456 2.36 -16.94 32.35
N SER A 457 3.19 -17.05 31.32
CA SER A 457 2.75 -17.10 29.92
C SER A 457 3.33 -18.32 29.24
N THR A 458 2.47 -19.28 28.89
CA THR A 458 2.87 -20.41 28.05
C THR A 458 1.86 -20.64 26.93
N TRP A 459 1.71 -21.89 26.54
CA TRP A 459 0.86 -22.25 25.41
C TRP A 459 -0.48 -22.74 25.94
N LYS A 460 -1.53 -22.60 25.13
CA LYS A 460 -2.92 -22.79 25.58
C LYS A 460 -3.15 -23.99 26.50
N SER A 461 -2.56 -25.13 26.15
CA SER A 461 -2.73 -26.34 26.93
C SER A 461 -2.23 -26.13 28.38
N LYS A 462 -0.98 -25.68 28.51
CA LYS A 462 -0.36 -25.43 29.82
C LYS A 462 -1.13 -24.41 30.65
N ALA A 463 -1.44 -23.26 30.06
CA ALA A 463 -2.22 -22.24 30.72
C ALA A 463 -3.55 -22.77 31.23
N GLU A 464 -4.16 -23.69 30.49
CA GLU A 464 -5.46 -24.21 30.91
C GLU A 464 -5.34 -25.19 32.06
N LYS A 465 -4.31 -26.03 31.99
CA LYS A 465 -4.07 -26.98 33.06
C LYS A 465 -3.86 -26.20 34.36
N TYR A 466 -2.96 -25.23 34.29
CA TYR A 466 -2.57 -24.45 35.45
C TYR A 466 -3.70 -23.62 36.03
N CYS A 467 -4.44 -22.90 35.19
CA CYS A 467 -5.57 -22.11 35.70
C CYS A 467 -6.56 -23.02 36.38
N GLN A 468 -6.80 -24.18 35.79
CA GLN A 468 -7.79 -25.10 36.34
C GLN A 468 -7.32 -25.54 37.71
N GLU A 469 -6.06 -25.93 37.79
CA GLU A 469 -5.43 -26.36 39.03
C GLU A 469 -5.36 -25.26 40.10
N LEU A 470 -4.95 -24.05 39.71
CA LEU A 470 -4.90 -22.96 40.67
C LEU A 470 -6.30 -22.69 41.22
N GLN A 471 -7.30 -22.75 40.37
CA GLN A 471 -8.66 -22.46 40.83
C GLN A 471 -9.18 -23.48 41.81
N GLN A 472 -8.88 -24.75 41.58
CA GLN A 472 -9.33 -25.81 42.48
C GLN A 472 -8.72 -25.63 43.90
N ASN A 473 -7.59 -24.95 43.99
CA ASN A 473 -6.95 -24.72 45.29
C ASN A 473 -7.47 -23.48 45.98
N GLY A 474 -8.50 -22.87 45.40
CA GLY A 474 -9.23 -21.80 46.05
C GLY A 474 -8.83 -20.42 45.58
N LEU A 475 -7.88 -20.36 44.66
CA LEU A 475 -7.40 -19.11 44.09
C LEU A 475 -8.33 -18.60 42.99
N THR A 476 -8.25 -17.28 42.76
CA THR A 476 -9.11 -16.61 41.79
C THR A 476 -8.32 -16.17 40.54
N VAL A 477 -8.56 -16.85 39.42
CA VAL A 477 -7.69 -16.74 38.27
C VAL A 477 -8.43 -16.48 36.98
N SER A 478 -7.76 -15.81 36.05
CA SER A 478 -8.25 -15.70 34.68
C SER A 478 -7.22 -16.31 33.73
N ILE A 479 -7.69 -16.70 32.55
CA ILE A 479 -6.78 -17.10 31.48
C ILE A 479 -7.06 -16.14 30.32
N ILE A 480 -5.99 -15.70 29.68
CA ILE A 480 -6.07 -14.55 28.79
C ILE A 480 -5.22 -14.84 27.55
N HIS A 481 -5.66 -14.35 26.38
CA HIS A 481 -4.92 -14.56 25.13
C HIS A 481 -4.12 -13.37 24.61
N GLU A 482 -4.79 -12.24 24.34
CA GLU A 482 -4.17 -11.12 23.60
C GLU A 482 -3.70 -11.55 22.20
N SER A 483 -2.37 -11.59 22.05
CA SER A 483 -1.71 -11.96 20.79
C SER A 483 -2.24 -11.18 19.58
N GLU B 5 16.61 -8.10 12.61
CA GLU B 5 17.79 -8.19 13.47
C GLU B 5 18.31 -9.63 13.52
N GLY B 6 19.63 -9.80 13.67
CA GLY B 6 20.21 -11.13 13.64
C GLY B 6 20.68 -11.52 12.24
N LYS B 7 19.73 -11.69 11.34
CA LYS B 7 19.97 -12.27 10.02
C LYS B 7 19.70 -11.33 8.87
N LEU B 8 19.69 -11.87 7.65
CA LEU B 8 19.38 -11.09 6.47
C LEU B 8 18.14 -11.62 5.75
N VAL B 9 17.20 -10.72 5.47
CA VAL B 9 16.03 -11.04 4.70
C VAL B 9 16.12 -10.30 3.37
N ILE B 10 16.07 -11.05 2.27
CA ILE B 10 16.20 -10.42 0.97
C ILE B 10 14.93 -10.64 0.15
N TRP B 11 14.44 -9.57 -0.46
CA TRP B 11 13.29 -9.65 -1.35
C TRP B 11 13.68 -9.35 -2.79
N ILE B 12 13.44 -10.33 -3.66
CA ILE B 12 13.72 -10.18 -5.08
C ILE B 12 12.50 -10.65 -5.88
N ASN B 13 12.22 -10.00 -7.01
CA ASN B 13 11.09 -10.42 -7.85
C ASN B 13 11.16 -11.90 -8.24
N GLY B 14 10.03 -12.51 -8.54
CA GLY B 14 9.99 -13.93 -8.83
C GLY B 14 10.57 -14.32 -10.19
N ASP B 15 10.59 -13.35 -11.10
CA ASP B 15 11.15 -13.57 -12.44
C ASP B 15 12.69 -13.50 -12.47
N LYS B 16 13.32 -13.42 -11.30
CA LYS B 16 14.80 -13.42 -11.17
C LYS B 16 15.35 -14.72 -10.59
N GLY B 17 16.67 -14.93 -10.74
CA GLY B 17 17.31 -16.15 -10.28
C GLY B 17 17.37 -16.25 -8.76
N TYR B 18 16.20 -16.14 -8.12
CA TYR B 18 16.11 -16.08 -6.67
C TYR B 18 16.65 -17.32 -5.97
N ASN B 19 16.94 -18.38 -6.72
CA ASN B 19 17.55 -19.53 -6.08
C ASN B 19 19.05 -19.41 -6.15
N GLY B 20 19.53 -18.69 -7.16
CA GLY B 20 20.94 -18.42 -7.31
C GLY B 20 21.40 -17.51 -6.19
N LEU B 21 20.60 -16.47 -5.95
CA LEU B 21 20.83 -15.53 -4.87
C LEU B 21 20.96 -16.26 -3.53
N ALA B 22 20.16 -17.30 -3.33
CA ALA B 22 20.20 -18.07 -2.11
C ALA B 22 21.48 -18.86 -1.99
N GLU B 23 22.05 -19.23 -3.13
CA GLU B 23 23.30 -19.96 -3.10
C GLU B 23 24.43 -19.02 -2.66
N VAL B 24 24.27 -17.75 -3.03
CA VAL B 24 25.14 -16.68 -2.56
C VAL B 24 24.92 -16.51 -1.05
N GLY B 25 23.67 -16.62 -0.61
CA GLY B 25 23.32 -16.46 0.79
C GLY B 25 23.77 -17.60 1.68
N LYS B 26 23.91 -18.79 1.10
CA LYS B 26 24.41 -19.96 1.84
C LYS B 26 25.91 -19.80 2.10
N LYS B 27 26.61 -19.33 1.09
CA LYS B 27 28.05 -19.08 1.10
C LYS B 27 28.36 -18.04 2.15
N PHE B 28 27.52 -17.01 2.20
CA PHE B 28 27.61 -15.97 3.23
C PHE B 28 27.51 -16.60 4.62
N GLU B 29 26.44 -17.37 4.84
CA GLU B 29 26.19 -18.01 6.14
C GLU B 29 27.30 -18.98 6.52
N LYS B 30 27.89 -19.62 5.51
CA LYS B 30 29.00 -20.53 5.73
C LYS B 30 30.19 -19.76 6.25
N ASP B 31 30.43 -18.58 5.69
CA ASP B 31 31.56 -17.74 6.08
C ASP B 31 31.33 -16.96 7.38
N THR B 32 30.15 -16.36 7.51
CA THR B 32 29.90 -15.41 8.57
C THR B 32 29.05 -15.94 9.72
N GLY B 33 28.29 -16.99 9.44
CA GLY B 33 27.34 -17.51 10.40
C GLY B 33 26.00 -16.81 10.42
N ILE B 34 25.83 -15.86 9.51
CA ILE B 34 24.57 -15.12 9.42
C ILE B 34 23.66 -15.77 8.38
N LYS B 35 22.45 -16.14 8.80
CA LYS B 35 21.54 -16.84 7.91
C LYS B 35 21.00 -15.84 6.92
N VAL B 36 20.94 -16.26 5.66
CA VAL B 36 20.31 -15.44 4.65
C VAL B 36 19.11 -16.16 4.09
N THR B 37 17.97 -15.52 4.15
CA THR B 37 16.78 -16.16 3.62
C THR B 37 16.24 -15.29 2.50
N VAL B 38 16.09 -15.88 1.32
CA VAL B 38 15.59 -15.15 0.17
C VAL B 38 14.13 -15.47 0.01
N GLU B 39 13.36 -14.47 -0.40
CA GLU B 39 11.93 -14.64 -0.60
C GLU B 39 11.50 -13.85 -1.81
N HIS B 40 10.46 -14.34 -2.50
CA HIS B 40 9.95 -13.66 -3.70
C HIS B 40 8.47 -13.38 -3.53
N PRO B 41 8.15 -12.34 -2.77
CA PRO B 41 6.75 -12.07 -2.45
C PRO B 41 6.02 -11.49 -3.65
N ASP B 42 4.89 -12.10 -4.00
CA ASP B 42 4.05 -11.62 -5.08
CA ASP B 42 4.06 -11.61 -5.10
C ASP B 42 3.73 -10.14 -4.87
N LYS B 43 3.80 -9.36 -5.94
CA LYS B 43 3.59 -7.91 -5.88
C LYS B 43 4.50 -7.31 -4.79
N LEU B 44 5.81 -7.53 -4.93
CA LEU B 44 6.77 -7.10 -3.92
C LEU B 44 7.08 -5.62 -4.00
N GLU B 45 6.76 -5.00 -5.12
CA GLU B 45 7.04 -3.58 -5.27
C GLU B 45 5.94 -2.80 -4.60
N GLU B 46 4.79 -3.45 -4.45
CA GLU B 46 3.64 -2.85 -3.78
C GLU B 46 3.62 -3.25 -2.30
N LYS B 47 3.91 -4.53 -2.05
CA LYS B 47 3.92 -5.11 -0.71
C LYS B 47 5.02 -4.53 0.19
N PHE B 48 5.89 -3.70 -0.39
CA PHE B 48 7.07 -3.23 0.33
C PHE B 48 6.79 -1.93 1.09
N PRO B 49 6.36 -0.86 0.40
CA PRO B 49 6.23 0.37 1.20
C PRO B 49 5.05 0.29 2.18
N GLN B 50 4.17 -0.68 1.98
CA GLN B 50 3.06 -0.91 2.90
C GLN B 50 3.51 -1.72 4.12
N VAL B 51 4.71 -2.28 4.05
CA VAL B 51 5.22 -3.09 5.14
C VAL B 51 6.53 -2.54 5.71
N ALA B 52 6.95 -1.39 5.23
CA ALA B 52 8.27 -0.86 5.58
C ALA B 52 8.17 0.46 6.34
N ALA B 53 7.02 1.12 6.27
CA ALA B 53 6.76 2.30 7.08
C ALA B 53 6.42 1.87 8.50
N THR B 54 5.78 0.71 8.61
CA THR B 54 5.49 0.09 9.89
C THR B 54 6.80 -0.39 10.52
N GLY B 55 7.82 -0.49 9.68
CA GLY B 55 9.17 -0.81 10.13
C GLY B 55 9.68 -2.21 9.85
N ASP B 56 8.80 -3.19 9.76
CA ASP B 56 9.24 -4.58 9.59
C ASP B 56 9.04 -5.15 8.18
N GLY B 57 9.86 -4.72 7.23
CA GLY B 57 9.87 -5.35 5.91
C GLY B 57 11.07 -6.27 5.78
N PRO B 58 11.82 -6.16 4.65
CA PRO B 58 13.05 -6.90 4.45
C PRO B 58 14.29 -6.03 4.70
N ASP B 59 15.46 -6.64 4.83
CA ASP B 59 16.71 -5.90 5.05
C ASP B 59 17.18 -5.27 3.75
N ILE B 60 17.25 -6.12 2.72
CA ILE B 60 17.63 -5.74 1.35
C ILE B 60 16.47 -5.94 0.39
N ILE B 61 16.21 -4.96 -0.47
CA ILE B 61 15.19 -5.14 -1.51
C ILE B 61 15.75 -4.98 -2.92
N PHE B 62 15.46 -5.98 -3.78
CA PHE B 62 15.82 -5.92 -5.20
C PHE B 62 14.65 -5.43 -6.07
N TRP B 63 14.88 -4.37 -6.82
CA TRP B 63 13.91 -3.90 -7.78
C TRP B 63 14.55 -2.93 -8.79
N ALA B 64 13.87 -2.73 -9.91
CA ALA B 64 14.28 -1.75 -10.92
C ALA B 64 14.49 -0.35 -10.32
N HIS B 65 15.55 0.32 -10.78
CA HIS B 65 16.07 1.54 -10.18
C HIS B 65 15.10 2.72 -10.22
N ASP B 66 14.09 2.65 -11.08
CA ASP B 66 13.25 3.82 -11.33
C ASP B 66 12.28 4.08 -10.19
N ARG B 67 11.98 3.06 -9.39
CA ARG B 67 11.04 3.22 -8.29
C ARG B 67 11.73 3.52 -6.94
N PHE B 68 13.06 3.64 -6.96
CA PHE B 68 13.83 3.80 -5.73
C PHE B 68 13.98 5.27 -5.34
N GLY B 69 13.77 6.17 -6.29
CA GLY B 69 13.86 7.60 -6.04
C GLY B 69 12.74 8.11 -5.15
N GLY B 70 11.58 7.45 -5.25
CA GLY B 70 10.42 7.81 -4.44
C GLY B 70 10.41 7.04 -3.13
N TYR B 71 11.02 5.85 -3.16
CA TYR B 71 11.34 5.12 -1.95
C TYR B 71 12.22 6.00 -1.07
N ALA B 72 13.08 6.77 -1.72
CA ALA B 72 14.06 7.61 -1.02
C ALA B 72 13.41 8.90 -0.57
N GLN B 73 12.40 9.34 -1.31
CA GLN B 73 11.66 10.52 -0.90
C GLN B 73 10.86 10.24 0.37
N SER B 74 10.47 8.98 0.55
CA SER B 74 9.80 8.53 1.78
C SER B 74 10.77 8.09 2.88
N GLY B 75 12.05 8.38 2.71
CA GLY B 75 13.08 8.01 3.68
C GLY B 75 13.08 6.53 4.04
N LEU B 76 12.59 5.72 3.12
CA LEU B 76 12.34 4.31 3.35
C LEU B 76 13.58 3.47 2.99
N LEU B 77 14.64 4.16 2.57
CA LEU B 77 15.87 3.52 2.12
C LEU B 77 17.13 4.15 2.73
N ALA B 78 18.08 3.33 3.15
CA ALA B 78 19.34 3.82 3.72
C ALA B 78 20.35 4.27 2.67
N GLU B 79 21.19 5.24 3.02
CA GLU B 79 22.25 5.67 2.11
C GLU B 79 23.42 4.68 2.13
N ILE B 80 23.69 4.05 1.01
CA ILE B 80 24.80 3.12 0.94
C ILE B 80 26.11 3.89 0.77
N THR B 81 27.20 3.29 1.23
CA THR B 81 28.50 3.95 1.33
C THR B 81 29.62 3.16 0.66
N PRO B 82 29.47 2.86 -0.63
CA PRO B 82 30.63 2.18 -1.20
C PRO B 82 31.74 3.19 -1.39
N ASP B 83 32.99 2.77 -1.50
CA ASP B 83 34.05 3.75 -1.74
C ASP B 83 34.60 3.64 -3.16
N LYS B 84 35.36 4.68 -3.53
CA LYS B 84 36.07 4.78 -4.80
C LYS B 84 36.53 3.44 -5.34
N ALA B 85 37.38 2.76 -4.58
CA ALA B 85 37.97 1.51 -5.01
C ALA B 85 36.88 0.51 -5.42
N PHE B 86 35.77 0.53 -4.69
CA PHE B 86 34.68 -0.36 -5.01
C PHE B 86 33.83 0.16 -6.15
N GLN B 87 33.47 1.44 -6.11
CA GLN B 87 32.67 2.04 -7.18
C GLN B 87 33.34 1.82 -8.55
N ASP B 88 34.67 1.88 -8.59
CA ASP B 88 35.41 1.73 -9.85
C ASP B 88 35.23 0.35 -10.48
N LYS B 89 34.64 -0.57 -9.73
CA LYS B 89 34.47 -1.94 -10.20
C LYS B 89 33.14 -2.04 -10.98
N LEU B 90 32.29 -1.02 -10.85
CA LEU B 90 31.06 -0.91 -11.65
C LEU B 90 31.12 0.22 -12.68
N TYR B 91 30.41 0.04 -13.80
CA TYR B 91 30.36 1.06 -14.82
C TYR B 91 29.81 2.33 -14.20
N PRO B 92 30.52 3.44 -14.40
CA PRO B 92 30.20 4.77 -13.87
C PRO B 92 28.73 5.18 -14.04
N PHE B 93 28.16 4.92 -15.21
CA PHE B 93 26.81 5.35 -15.50
C PHE B 93 25.77 4.57 -14.67
N THR B 94 26.11 3.34 -14.29
CA THR B 94 25.19 2.55 -13.47
C THR B 94 25.02 3.17 -12.08
N TRP B 95 26.04 3.84 -11.58
CA TRP B 95 25.95 4.53 -10.29
C TRP B 95 24.99 5.72 -10.40
N ASP B 96 25.08 6.45 -11.50
CA ASP B 96 24.19 7.57 -11.82
C ASP B 96 22.71 7.18 -11.74
N ALA B 97 22.44 5.91 -12.00
CA ALA B 97 21.09 5.35 -11.92
C ALA B 97 20.53 5.20 -10.50
N VAL B 98 21.40 5.24 -9.49
CA VAL B 98 20.97 5.07 -8.10
C VAL B 98 21.43 6.27 -7.26
N ARG B 99 20.64 7.36 -7.24
CA ARG B 99 21.22 8.62 -6.82
C ARG B 99 20.26 9.83 -6.69
N TYR B 100 19.42 9.88 -5.65
CA TYR B 100 18.61 11.09 -5.42
C TYR B 100 18.16 11.14 -3.98
N ASN B 101 18.34 12.25 -3.27
CA ASN B 101 18.90 13.54 -3.74
C ASN B 101 20.43 13.64 -3.79
N GLY B 102 21.04 12.92 -4.71
CA GLY B 102 22.49 12.94 -4.86
C GLY B 102 23.25 12.27 -3.72
N LYS B 103 22.57 11.33 -3.06
CA LYS B 103 23.24 10.36 -2.20
C LYS B 103 22.96 8.96 -2.78
N LEU B 104 23.98 8.12 -2.82
CA LEU B 104 23.82 6.74 -3.30
C LEU B 104 22.74 6.02 -2.49
N ILE B 105 21.82 5.37 -3.20
CA ILE B 105 20.63 4.81 -2.58
C ILE B 105 20.55 3.27 -2.74
N ALA B 106 21.36 2.72 -3.64
CA ALA B 106 21.36 1.28 -3.88
C ALA B 106 22.57 0.81 -4.66
N TYR B 107 22.76 -0.50 -4.71
CA TYR B 107 23.82 -1.10 -5.52
C TYR B 107 23.26 -1.51 -6.88
N PRO B 108 23.89 -1.08 -7.97
CA PRO B 108 23.49 -1.58 -9.29
C PRO B 108 23.86 -3.05 -9.45
N ILE B 109 22.95 -3.86 -9.98
CA ILE B 109 23.23 -5.28 -10.19
C ILE B 109 23.31 -5.59 -11.67
N ALA B 110 22.18 -5.43 -12.38
CA ALA B 110 22.08 -5.69 -13.82
C ALA B 110 21.63 -4.47 -14.61
N VAL B 111 21.92 -4.47 -15.91
CA VAL B 111 21.68 -3.34 -16.80
C VAL B 111 20.84 -3.78 -18.02
N GLU B 112 19.74 -3.06 -18.25
CA GLU B 112 18.75 -3.38 -19.28
C GLU B 112 18.55 -2.28 -20.30
N ALA B 113 18.31 -2.67 -21.55
CA ALA B 113 18.03 -1.70 -22.60
C ALA B 113 17.48 -2.41 -23.80
N LEU B 114 16.70 -1.68 -24.59
CA LEU B 114 16.19 -2.20 -25.82
C LEU B 114 17.32 -2.37 -26.83
N SER B 115 17.21 -3.41 -27.64
CA SER B 115 18.08 -3.55 -28.78
C SER B 115 17.24 -3.83 -30.02
N LEU B 116 17.88 -3.75 -31.19
CA LEU B 116 17.28 -4.15 -32.43
C LEU B 116 17.47 -5.65 -32.61
N ILE B 117 16.38 -6.40 -32.60
CA ILE B 117 16.42 -7.84 -32.83
C ILE B 117 15.98 -8.16 -34.26
N TYR B 118 16.77 -8.95 -34.97
CA TYR B 118 16.46 -9.27 -36.36
C TYR B 118 16.59 -10.75 -36.73
N ASN B 119 15.92 -11.10 -37.80
CA ASN B 119 15.87 -12.43 -38.35
C ASN B 119 16.95 -12.60 -39.42
N LYS B 120 18.01 -13.35 -39.14
CA LYS B 120 19.19 -13.46 -40.03
C LYS B 120 18.90 -14.04 -41.41
N ASP B 121 17.90 -14.91 -41.52
CA ASP B 121 17.48 -15.47 -42.81
C ASP B 121 16.75 -14.46 -43.70
N LEU B 122 15.97 -13.57 -43.08
CA LEU B 122 15.26 -12.55 -43.83
C LEU B 122 16.15 -11.35 -44.11
N LEU B 123 17.08 -11.08 -43.20
CA LEU B 123 17.80 -9.83 -43.23
C LEU B 123 19.18 -10.02 -42.66
N PRO B 124 20.09 -10.53 -43.49
CA PRO B 124 21.47 -10.89 -43.11
C PRO B 124 22.24 -9.67 -42.62
N ASN B 125 21.99 -8.52 -43.24
CA ASN B 125 22.56 -7.27 -42.81
C ASN B 125 21.49 -6.29 -42.39
N PRO B 126 21.20 -6.22 -41.08
CA PRO B 126 20.18 -5.29 -40.57
C PRO B 126 20.55 -3.83 -40.85
N PRO B 127 19.56 -2.93 -40.96
CA PRO B 127 19.79 -1.52 -41.26
C PRO B 127 20.53 -0.80 -40.14
N LYS B 128 21.43 0.09 -40.52
CA LYS B 128 22.15 0.91 -39.55
C LYS B 128 21.34 2.18 -39.23
N THR B 129 20.40 2.53 -40.09
CA THR B 129 19.58 3.72 -39.93
C THR B 129 18.06 3.45 -39.92
N TRP B 130 17.29 4.30 -39.25
CA TRP B 130 15.83 4.26 -39.36
C TRP B 130 15.38 4.64 -40.77
N GLU B 131 16.06 5.62 -41.36
CA GLU B 131 15.64 6.19 -42.65
C GLU B 131 15.47 5.17 -43.77
N GLU B 132 16.28 4.11 -43.74
CA GLU B 132 16.26 3.13 -44.81
C GLU B 132 15.24 2.01 -44.60
N ILE B 133 14.54 2.02 -43.46
CA ILE B 133 13.54 1.00 -43.14
C ILE B 133 12.26 1.05 -44.02
N PRO B 134 11.76 2.24 -44.40
CA PRO B 134 10.65 2.24 -45.36
C PRO B 134 10.89 1.46 -46.65
N ALA B 135 12.05 1.70 -47.26
CA ALA B 135 12.40 1.00 -48.50
C ALA B 135 12.50 -0.49 -48.27
N LEU B 136 13.25 -0.85 -47.23
CA LEU B 136 13.40 -2.23 -46.80
C LEU B 136 12.03 -2.91 -46.70
N ASP B 137 11.12 -2.24 -46.02
CA ASP B 137 9.76 -2.74 -45.87
C ASP B 137 9.04 -2.89 -47.22
N LYS B 138 9.13 -1.89 -48.09
CA LYS B 138 8.54 -1.99 -49.43
C LYS B 138 8.98 -3.27 -50.16
N GLU B 139 10.24 -3.65 -49.98
CA GLU B 139 10.74 -4.88 -50.59
C GLU B 139 10.11 -6.10 -49.96
N LEU B 140 10.27 -6.22 -48.65
CA LEU B 140 9.74 -7.35 -47.88
C LEU B 140 8.23 -7.50 -48.10
N LYS B 141 7.51 -6.39 -48.24
CA LYS B 141 6.07 -6.46 -48.45
C LYS B 141 5.74 -7.20 -49.74
N ALA B 142 6.49 -6.91 -50.79
CA ALA B 142 6.29 -7.53 -52.08
C ALA B 142 6.65 -9.01 -52.02
N LYS B 143 7.61 -9.31 -51.17
CA LYS B 143 8.05 -10.68 -50.97
C LYS B 143 7.23 -11.40 -49.88
N GLY B 144 6.08 -10.85 -49.48
CA GLY B 144 5.20 -11.53 -48.55
C GLY B 144 5.51 -11.37 -47.05
N LYS B 145 6.34 -10.39 -46.73
CA LYS B 145 6.72 -10.20 -45.34
C LYS B 145 6.58 -8.74 -44.93
N SER B 146 7.31 -8.38 -43.89
CA SER B 146 7.34 -7.01 -43.41
C SER B 146 8.65 -6.80 -42.72
N ALA B 147 9.03 -5.54 -42.57
CA ALA B 147 10.34 -5.19 -42.06
C ALA B 147 10.42 -5.16 -40.54
N LEU B 148 9.41 -4.58 -39.90
CA LEU B 148 9.50 -4.24 -38.49
C LEU B 148 8.16 -4.32 -37.78
N MET B 149 8.13 -4.96 -36.61
CA MET B 149 7.00 -4.85 -35.70
C MET B 149 7.52 -4.80 -34.27
N PHE B 150 7.21 -3.72 -33.58
CA PHE B 150 7.45 -3.63 -32.16
C PHE B 150 6.26 -2.98 -31.51
N ASN B 151 6.29 -2.87 -30.19
CA ASN B 151 5.14 -2.39 -29.45
C ASN B 151 4.98 -0.88 -29.56
N LEU B 152 4.04 -0.42 -30.37
CA LEU B 152 3.81 1.01 -30.55
C LEU B 152 2.98 1.64 -29.44
N GLN B 153 2.25 0.80 -28.70
CA GLN B 153 1.31 1.21 -27.64
C GLN B 153 1.93 1.76 -26.36
N GLU B 154 3.21 1.46 -26.11
CA GLU B 154 3.85 1.90 -24.88
C GLU B 154 5.07 2.76 -25.16
N PRO B 155 5.18 3.90 -24.49
CA PRO B 155 6.25 4.89 -24.67
C PRO B 155 7.66 4.35 -24.44
N TYR B 156 7.80 3.37 -23.55
CA TYR B 156 9.10 2.71 -23.30
C TYR B 156 9.73 2.16 -24.61
N PHE B 157 8.91 1.72 -25.55
CA PHE B 157 9.37 1.16 -26.83
C PHE B 157 9.52 2.16 -27.99
N THR B 158 8.75 3.23 -27.98
CA THR B 158 8.86 4.23 -29.05
C THR B 158 9.81 5.36 -28.69
N TRP B 159 10.06 5.54 -27.40
CA TRP B 159 10.99 6.58 -26.96
C TRP B 159 12.40 6.50 -27.60
N PRO B 160 12.93 5.29 -27.89
CA PRO B 160 14.28 5.33 -28.51
C PRO B 160 14.36 6.11 -29.83
N LEU B 161 13.29 6.10 -30.63
CA LEU B 161 13.26 6.90 -31.85
C LEU B 161 12.94 8.38 -31.58
N ILE B 162 11.91 8.63 -30.77
CA ILE B 162 11.48 9.98 -30.43
C ILE B 162 12.59 10.78 -29.76
N ALA B 163 13.46 10.10 -29.02
CA ALA B 163 14.49 10.77 -28.25
C ALA B 163 15.81 10.90 -29.02
N ALA B 164 15.94 10.16 -30.12
CA ALA B 164 17.18 10.08 -30.89
C ALA B 164 17.81 11.43 -31.21
N ASP B 165 17.04 12.33 -31.80
CA ASP B 165 17.56 13.57 -32.33
C ASP B 165 17.53 14.68 -31.29
N GLY B 166 17.20 14.35 -30.05
CA GLY B 166 17.26 15.35 -28.99
C GLY B 166 16.19 15.38 -27.92
N GLY B 167 15.23 14.47 -27.99
CA GLY B 167 14.22 14.38 -26.95
C GLY B 167 14.79 13.96 -25.61
N TYR B 168 14.17 14.42 -24.52
CA TYR B 168 14.50 13.95 -23.17
C TYR B 168 13.31 14.06 -22.23
N ALA B 169 13.34 13.31 -21.13
CA ALA B 169 12.26 13.31 -20.15
C ALA B 169 12.32 14.54 -19.26
N PHE B 170 13.28 14.55 -18.35
CA PHE B 170 13.55 15.75 -17.58
C PHE B 170 15.03 16.08 -17.63
N LYS B 171 15.35 17.38 -17.70
CA LYS B 171 16.75 17.83 -17.66
C LYS B 171 17.45 17.49 -16.35
N TYR B 172 18.72 17.09 -16.49
CA TYR B 172 19.56 16.74 -15.36
C TYR B 172 20.60 17.85 -15.17
N GLU B 173 20.69 18.39 -13.95
CA GLU B 173 21.57 19.53 -13.73
C GLU B 173 22.73 19.15 -12.81
N ASN B 174 22.43 18.34 -11.80
CA ASN B 174 23.38 17.88 -10.79
C ASN B 174 22.65 17.11 -9.70
N GLY B 175 22.70 15.79 -9.73
CA GLY B 175 22.01 15.03 -8.70
C GLY B 175 20.49 15.13 -8.79
N LYS B 176 20.01 16.33 -9.09
CA LYS B 176 18.57 16.64 -9.18
C LYS B 176 18.05 16.79 -10.63
N TYR B 177 16.87 16.25 -10.86
CA TYR B 177 16.15 16.47 -12.09
C TYR B 177 15.33 17.75 -11.99
N ASP B 178 15.05 18.39 -13.11
CA ASP B 178 14.22 19.60 -13.10
C ASP B 178 12.86 19.28 -13.70
N ILE B 179 11.88 18.97 -12.86
CA ILE B 179 10.57 18.57 -13.36
C ILE B 179 9.78 19.71 -14.01
N LYS B 180 10.41 20.88 -14.14
CA LYS B 180 9.80 21.97 -14.89
C LYS B 180 10.46 22.07 -16.29
N ASP B 181 11.46 21.23 -16.53
CA ASP B 181 12.19 21.25 -17.79
C ASP B 181 12.03 19.92 -18.54
N VAL B 182 10.97 19.85 -19.34
CA VAL B 182 10.61 18.65 -20.09
C VAL B 182 11.14 18.77 -21.52
N GLY B 183 11.59 17.65 -22.08
CA GLY B 183 12.21 17.65 -23.40
C GLY B 183 11.44 16.85 -24.44
N VAL B 184 10.13 16.94 -24.35
CA VAL B 184 9.20 16.17 -25.16
C VAL B 184 8.79 16.94 -26.43
N ASP B 185 9.06 18.23 -26.44
CA ASP B 185 8.47 19.10 -27.44
C ASP B 185 9.53 19.94 -28.17
N ASN B 186 10.79 19.50 -28.14
CA ASN B 186 11.82 20.17 -28.93
C ASN B 186 11.86 19.62 -30.34
N ALA B 187 12.78 20.14 -31.15
CA ALA B 187 12.83 19.75 -32.55
C ALA B 187 13.13 18.26 -32.71
N GLY B 188 13.99 17.76 -31.83
CA GLY B 188 14.42 16.37 -31.93
C GLY B 188 13.26 15.42 -31.76
N ALA B 189 12.46 15.66 -30.75
CA ALA B 189 11.31 14.83 -30.43
C ALA B 189 10.23 14.93 -31.51
N LYS B 190 9.98 16.15 -31.96
CA LYS B 190 9.08 16.36 -33.10
C LYS B 190 9.50 15.57 -34.33
N ALA B 191 10.80 15.53 -34.60
CA ALA B 191 11.32 14.84 -35.79
C ALA B 191 11.13 13.33 -35.69
N GLY B 192 11.55 12.79 -34.55
CA GLY B 192 11.39 11.38 -34.22
C GLY B 192 9.95 10.91 -34.30
N LEU B 193 9.04 11.60 -33.63
CA LEU B 193 7.66 11.14 -33.61
C LEU B 193 7.08 11.26 -35.00
N THR B 194 7.49 12.30 -35.72
CA THR B 194 7.08 12.48 -37.09
C THR B 194 7.54 11.29 -37.94
N PHE B 195 8.77 10.86 -37.73
CA PHE B 195 9.22 9.68 -38.49
C PHE B 195 8.35 8.48 -38.21
N LEU B 196 8.07 8.24 -36.94
CA LEU B 196 7.29 7.09 -36.51
C LEU B 196 5.87 7.14 -37.04
N VAL B 197 5.25 8.31 -36.96
CA VAL B 197 3.88 8.48 -37.42
C VAL B 197 3.81 8.26 -38.93
N ASP B 198 4.84 8.69 -39.66
CA ASP B 198 4.87 8.45 -41.11
C ASP B 198 5.00 6.96 -41.44
N LEU B 199 5.84 6.23 -40.71
CA LEU B 199 5.94 4.78 -40.89
C LEU B 199 4.54 4.18 -40.84
N ILE B 200 3.67 4.73 -40.00
CA ILE B 200 2.31 4.24 -39.89
C ILE B 200 1.40 4.77 -40.98
N LYS B 201 1.54 6.06 -41.30
CA LYS B 201 0.73 6.67 -42.36
C LYS B 201 1.02 6.00 -43.69
N ASN B 202 2.31 5.83 -44.00
CA ASN B 202 2.74 5.13 -45.19
C ASN B 202 2.58 3.60 -45.14
N LYS B 203 1.79 3.11 -44.20
CA LYS B 203 1.40 1.71 -44.11
C LYS B 203 2.55 0.72 -43.83
N HIS B 204 3.69 1.20 -43.31
CA HIS B 204 4.79 0.31 -43.05
C HIS B 204 4.62 -0.48 -41.76
N MET B 205 3.87 0.07 -40.82
CA MET B 205 3.53 -0.64 -39.59
C MET B 205 2.05 -0.43 -39.35
N ASN B 206 1.37 -1.43 -38.78
CA ASN B 206 -0.02 -1.29 -38.38
C ASN B 206 -0.08 -0.54 -37.04
N ALA B 207 -0.96 0.46 -36.94
CA ALA B 207 -0.99 1.29 -35.76
C ALA B 207 -1.47 0.53 -34.53
N ASP B 208 -2.09 -0.63 -34.73
CA ASP B 208 -2.65 -1.42 -33.64
C ASP B 208 -1.56 -2.29 -32.99
N THR B 209 -0.35 -2.22 -33.54
CA THR B 209 0.64 -3.23 -33.20
C THR B 209 1.10 -3.12 -31.74
N ASP B 210 0.99 -4.23 -31.02
CA ASP B 210 1.35 -4.22 -29.62
C ASP B 210 2.38 -5.29 -29.31
N TYR B 211 2.72 -5.44 -28.03
CA TYR B 211 3.78 -6.34 -27.60
C TYR B 211 3.57 -7.78 -28.06
N SER B 212 2.34 -8.27 -27.91
CA SER B 212 2.01 -9.66 -28.24
C SER B 212 2.00 -9.94 -29.71
N ILE B 213 1.48 -9.00 -30.50
CA ILE B 213 1.47 -9.18 -31.94
C ILE B 213 2.89 -9.17 -32.48
N ALA B 214 3.71 -8.23 -32.02
CA ALA B 214 5.06 -8.15 -32.53
C ALA B 214 5.89 -9.40 -32.15
N GLU B 215 5.78 -9.86 -30.91
CA GLU B 215 6.48 -11.07 -30.46
C GLU B 215 6.06 -12.27 -31.31
N ALA B 216 4.76 -12.46 -31.49
CA ALA B 216 4.23 -13.55 -32.28
C ALA B 216 4.74 -13.51 -33.73
N ALA B 217 4.70 -12.32 -34.32
CA ALA B 217 5.08 -12.13 -35.72
C ALA B 217 6.56 -12.35 -35.92
N PHE B 218 7.39 -11.86 -35.00
CA PHE B 218 8.82 -12.07 -35.17
C PHE B 218 9.17 -13.55 -35.00
N ASN B 219 8.57 -14.18 -34.00
CA ASN B 219 8.88 -15.57 -33.65
C ASN B 219 8.33 -16.56 -34.68
N LYS B 220 7.33 -16.13 -35.43
CA LYS B 220 6.74 -16.94 -36.48
C LYS B 220 7.59 -16.75 -37.77
N GLY B 221 8.46 -15.73 -37.77
CA GLY B 221 9.25 -15.44 -38.94
C GLY B 221 8.52 -14.64 -40.00
N GLU B 222 7.55 -13.84 -39.56
CA GLU B 222 6.72 -13.04 -40.47
C GLU B 222 7.24 -11.61 -40.64
N THR B 223 8.05 -11.14 -39.70
CA THR B 223 8.62 -9.80 -39.79
C THR B 223 10.15 -9.89 -39.58
N ALA B 224 10.93 -9.05 -40.24
CA ALA B 224 12.39 -9.22 -40.26
C ALA B 224 13.06 -8.61 -39.03
N MET B 225 12.37 -7.71 -38.37
CA MET B 225 12.95 -7.05 -37.22
C MET B 225 11.94 -6.80 -36.13
N THR B 226 12.45 -6.64 -34.92
CA THR B 226 11.61 -6.19 -33.85
C THR B 226 12.47 -5.46 -32.85
N ILE B 227 11.84 -4.74 -31.92
CA ILE B 227 12.58 -4.04 -30.88
C ILE B 227 12.13 -4.55 -29.52
N ASN B 228 13.05 -5.16 -28.79
CA ASN B 228 12.72 -5.73 -27.47
C ASN B 228 13.95 -5.83 -26.58
N GLY B 229 13.75 -6.39 -25.38
CA GLY B 229 14.79 -6.51 -24.37
C GLY B 229 15.18 -7.96 -24.10
N PRO B 230 16.24 -8.16 -23.30
CA PRO B 230 16.77 -9.49 -22.98
C PRO B 230 15.73 -10.52 -22.51
N TRP B 231 14.72 -10.01 -21.81
CA TRP B 231 13.61 -10.84 -21.29
C TRP B 231 12.86 -11.59 -22.37
N ALA B 232 13.09 -11.21 -23.61
CA ALA B 232 12.31 -11.75 -24.72
C ALA B 232 13.09 -12.79 -25.53
N TRP B 233 14.38 -12.90 -25.24
CA TRP B 233 15.29 -13.82 -25.94
C TRP B 233 14.91 -15.30 -25.83
N SER B 234 14.60 -15.70 -24.61
CA SER B 234 14.21 -17.08 -24.30
C SER B 234 13.14 -17.55 -25.26
N ASN B 235 12.12 -16.72 -25.46
CA ASN B 235 11.02 -17.09 -26.34
C ASN B 235 11.39 -17.20 -27.83
N ILE B 236 12.42 -16.47 -28.25
CA ILE B 236 12.80 -16.52 -29.66
C ILE B 236 13.58 -17.79 -29.88
N ASP B 237 14.32 -18.18 -28.85
CA ASP B 237 15.10 -19.42 -28.86
C ASP B 237 14.18 -20.60 -29.18
N THR B 238 13.15 -20.76 -28.36
CA THR B 238 12.09 -21.74 -28.57
C THR B 238 11.52 -21.78 -30.00
N SER B 239 11.46 -20.62 -30.65
CA SER B 239 10.73 -20.46 -31.91
C SER B 239 11.40 -21.02 -33.17
N LYS B 240 12.71 -21.25 -33.12
CA LYS B 240 13.46 -21.72 -34.28
C LYS B 240 13.58 -20.67 -35.39
N VAL B 241 13.80 -19.43 -34.98
CA VAL B 241 14.12 -18.31 -35.84
C VAL B 241 15.57 -17.94 -35.52
N ASN B 242 16.47 -18.03 -36.48
CA ASN B 242 17.85 -17.62 -36.22
C ASN B 242 17.94 -16.09 -36.10
N TYR B 243 18.12 -15.58 -34.90
CA TYR B 243 18.05 -14.14 -34.69
C TYR B 243 19.35 -13.53 -34.23
N GLY B 244 19.55 -12.27 -34.60
CA GLY B 244 20.64 -11.49 -34.06
C GLY B 244 20.12 -10.38 -33.18
N VAL B 245 21.00 -9.88 -32.32
CA VAL B 245 20.66 -8.78 -31.45
C VAL B 245 21.72 -7.73 -31.62
N THR B 246 21.36 -6.55 -32.12
CA THR B 246 22.36 -5.54 -32.43
C THR B 246 22.03 -4.14 -31.89
N VAL B 247 22.89 -3.19 -32.24
CA VAL B 247 22.68 -1.79 -31.95
C VAL B 247 21.41 -1.33 -32.69
N LEU B 248 20.64 -0.47 -32.05
CA LEU B 248 19.43 0.09 -32.66
C LEU B 248 19.76 0.98 -33.84
N PRO B 249 18.82 1.12 -34.78
CA PRO B 249 19.10 1.97 -35.94
C PRO B 249 19.29 3.44 -35.52
N THR B 250 20.14 4.17 -36.23
CA THR B 250 20.27 5.61 -35.98
C THR B 250 19.13 6.40 -36.61
N PHE B 251 19.00 7.63 -36.17
CA PHE B 251 18.04 8.55 -36.77
C PHE B 251 18.65 9.94 -36.90
N LYS B 252 18.57 10.51 -38.10
CA LYS B 252 19.21 11.79 -38.41
C LYS B 252 20.68 11.79 -37.95
N GLY B 253 21.32 10.63 -38.07
CA GLY B 253 22.71 10.47 -37.73
C GLY B 253 22.99 10.15 -36.28
N GLN B 254 21.96 10.22 -35.45
CA GLN B 254 22.11 10.07 -34.01
C GLN B 254 21.70 8.70 -33.53
N PRO B 255 22.37 8.16 -32.52
CA PRO B 255 21.92 6.87 -32.03
C PRO B 255 20.54 6.92 -31.40
N SER B 256 19.79 5.84 -31.46
CA SER B 256 18.57 5.74 -30.68
C SER B 256 18.99 5.81 -29.23
N LYS B 257 18.13 6.35 -28.40
CA LYS B 257 18.45 6.55 -27.00
C LYS B 257 17.39 5.87 -26.16
N PRO B 258 17.49 4.54 -26.02
CA PRO B 258 16.54 3.78 -25.21
C PRO B 258 16.71 4.10 -23.73
N PHE B 259 15.64 3.91 -22.97
CA PHE B 259 15.73 4.10 -21.54
C PHE B 259 16.54 2.93 -20.99
N VAL B 260 17.41 3.23 -20.03
CA VAL B 260 18.16 2.21 -19.32
C VAL B 260 17.48 1.86 -17.99
N GLY B 261 17.33 0.58 -17.74
CA GLY B 261 16.74 0.10 -16.50
C GLY B 261 17.76 -0.71 -15.73
N VAL B 262 18.05 -0.28 -14.51
CA VAL B 262 19.04 -0.97 -13.68
C VAL B 262 18.41 -1.74 -12.52
N LEU B 263 18.54 -3.07 -12.50
CA LEU B 263 18.09 -3.84 -11.32
C LEU B 263 18.96 -3.49 -10.13
N SER B 264 18.33 -3.10 -9.03
CA SER B 264 19.07 -2.53 -7.91
C SER B 264 18.75 -3.19 -6.59
N ALA B 265 19.75 -3.25 -5.72
CA ALA B 265 19.60 -3.77 -4.37
C ALA B 265 19.79 -2.62 -3.40
N GLY B 266 18.69 -2.23 -2.75
CA GLY B 266 18.71 -1.17 -1.76
C GLY B 266 18.59 -1.73 -0.35
N ILE B 267 19.10 -0.98 0.63
CA ILE B 267 19.05 -1.40 2.03
C ILE B 267 17.93 -0.72 2.77
N ASN B 268 17.12 -1.48 3.51
CA ASN B 268 16.03 -0.89 4.29
C ASN B 268 16.54 0.06 5.38
N ALA B 269 15.83 1.16 5.59
CA ALA B 269 16.24 2.15 6.58
C ALA B 269 16.02 1.63 7.99
N ALA B 270 14.96 0.87 8.18
CA ALA B 270 14.66 0.23 9.46
C ALA B 270 15.29 -1.15 9.51
N SER B 271 16.56 -1.23 9.14
CA SER B 271 17.30 -2.46 9.27
C SER B 271 18.48 -2.23 10.16
N PRO B 272 18.55 -2.99 11.27
CA PRO B 272 19.69 -2.93 12.17
C PRO B 272 20.96 -3.48 11.50
N ASN B 273 20.74 -4.32 10.50
CA ASN B 273 21.83 -5.07 9.87
C ASN B 273 22.42 -4.43 8.61
N LYS B 274 22.57 -3.11 8.60
CA LYS B 274 23.12 -2.38 7.46
C LYS B 274 24.54 -2.78 7.06
N GLU B 275 25.41 -2.97 8.04
CA GLU B 275 26.81 -3.30 7.75
C GLU B 275 26.92 -4.72 7.24
N LEU B 276 25.98 -5.56 7.64
CA LEU B 276 25.91 -6.92 7.13
C LEU B 276 25.43 -6.89 5.68
N ALA B 277 24.39 -6.11 5.43
CA ALA B 277 23.89 -5.90 4.08
C ALA B 277 24.98 -5.42 3.13
N LYS B 278 25.74 -4.41 3.57
CA LYS B 278 26.86 -3.91 2.78
C LYS B 278 27.82 -5.03 2.46
N GLU B 279 28.20 -5.80 3.47
CA GLU B 279 29.17 -6.88 3.28
C GLU B 279 28.65 -7.91 2.28
N PHE B 280 27.38 -8.26 2.40
CA PHE B 280 26.82 -9.27 1.53
C PHE B 280 26.86 -8.79 0.10
N LEU B 281 26.33 -7.59 -0.11
CA LEU B 281 26.20 -7.05 -1.43
C LEU B 281 27.56 -6.78 -2.05
N GLU B 282 28.44 -6.12 -1.31
CA GLU B 282 29.74 -5.74 -1.85
C GLU B 282 30.76 -6.88 -1.96
N ASN B 283 30.74 -7.84 -1.04
CA ASN B 283 31.82 -8.83 -0.99
C ASN B 283 31.42 -10.21 -1.48
N TYR B 284 30.12 -10.46 -1.60
CA TYR B 284 29.68 -11.76 -2.05
C TYR B 284 28.91 -11.69 -3.37
N LEU B 285 27.89 -10.84 -3.42
CA LEU B 285 27.03 -10.78 -4.60
C LEU B 285 27.73 -10.08 -5.75
N LEU B 286 28.19 -8.85 -5.54
CA LEU B 286 28.85 -8.09 -6.59
C LEU B 286 30.30 -8.56 -6.80
N THR B 287 30.41 -9.86 -7.10
CA THR B 287 31.66 -10.53 -7.42
C THR B 287 31.35 -11.42 -8.63
N ASP B 288 32.37 -11.90 -9.32
CA ASP B 288 32.17 -12.79 -10.45
C ASP B 288 31.45 -14.05 -9.99
N GLU B 289 31.88 -14.62 -8.87
CA GLU B 289 31.28 -15.84 -8.36
C GLU B 289 29.81 -15.66 -8.03
N GLY B 290 29.50 -14.54 -7.38
CA GLY B 290 28.17 -14.27 -6.86
C GLY B 290 27.13 -14.04 -7.93
N LEU B 291 27.43 -13.16 -8.86
CA LEU B 291 26.53 -12.91 -9.96
C LEU B 291 26.42 -14.17 -10.81
N GLU B 292 27.51 -14.90 -10.99
CA GLU B 292 27.45 -16.11 -11.80
C GLU B 292 26.49 -17.13 -11.20
N ALA B 293 26.35 -17.14 -9.86
CA ALA B 293 25.40 -18.05 -9.21
C ALA B 293 23.95 -17.66 -9.52
N VAL B 294 23.68 -16.37 -9.55
CA VAL B 294 22.36 -15.85 -9.85
C VAL B 294 22.05 -16.08 -11.33
N ASN B 295 23.03 -15.78 -12.18
CA ASN B 295 22.91 -15.88 -13.62
C ASN B 295 22.77 -17.31 -14.13
N LYS B 296 23.34 -18.28 -13.41
CA LYS B 296 23.20 -19.69 -13.81
C LYS B 296 21.78 -20.19 -13.52
N ASP B 297 21.07 -19.47 -12.66
CA ASP B 297 19.72 -19.87 -12.27
C ASP B 297 18.68 -19.28 -13.23
N LYS B 298 18.74 -17.96 -13.43
CA LYS B 298 17.94 -17.29 -14.41
C LYS B 298 18.70 -16.03 -14.85
N PRO B 299 19.18 -16.03 -16.11
CA PRO B 299 20.05 -15.01 -16.70
C PRO B 299 19.74 -13.59 -16.30
N LEU B 300 20.80 -12.81 -16.05
CA LEU B 300 20.66 -11.42 -15.64
C LEU B 300 20.66 -10.45 -16.81
N GLY B 301 21.20 -10.88 -17.94
CA GLY B 301 21.41 -9.96 -19.05
C GLY B 301 22.81 -9.37 -18.94
N ALA B 302 22.92 -8.06 -19.15
CA ALA B 302 24.18 -7.36 -18.93
C ALA B 302 24.27 -6.98 -17.44
N VAL B 303 25.48 -6.87 -16.91
CA VAL B 303 25.61 -6.54 -15.48
C VAL B 303 26.42 -5.28 -15.23
N ALA B 304 26.23 -4.72 -14.04
CA ALA B 304 26.89 -3.48 -13.66
C ALA B 304 28.35 -3.69 -13.26
N LEU B 305 28.72 -4.95 -12.98
CA LEU B 305 30.08 -5.28 -12.59
C LEU B 305 31.00 -5.51 -13.80
N LYS B 306 32.00 -4.64 -13.95
CA LYS B 306 32.91 -4.69 -15.09
C LYS B 306 33.51 -6.09 -15.35
N SER B 307 34.06 -6.69 -14.32
CA SER B 307 34.73 -7.97 -14.48
C SER B 307 33.83 -9.05 -15.08
N TYR B 308 32.59 -9.16 -14.62
CA TYR B 308 31.70 -10.22 -15.07
C TYR B 308 31.02 -9.83 -16.39
N GLU B 309 30.79 -8.54 -16.58
CA GLU B 309 30.22 -8.07 -17.85
C GLU B 309 31.16 -8.39 -18.96
N GLU B 310 32.46 -8.19 -18.74
CA GLU B 310 33.42 -8.52 -19.78
C GLU B 310 33.35 -9.99 -20.15
N GLU B 311 33.17 -10.87 -19.17
CA GLU B 311 33.02 -12.29 -19.49
C GLU B 311 31.70 -12.51 -20.26
N LEU B 312 30.59 -11.97 -19.76
CA LEU B 312 29.27 -12.14 -20.38
C LEU B 312 29.17 -11.54 -21.79
N ALA B 313 29.86 -10.42 -22.02
CA ALA B 313 29.82 -9.73 -23.31
C ALA B 313 30.51 -10.49 -24.43
N LYS B 314 30.94 -11.72 -24.15
CA LYS B 314 31.42 -12.64 -25.17
C LYS B 314 30.21 -13.02 -26.05
N ASP B 315 29.03 -12.94 -25.44
CA ASP B 315 27.74 -13.05 -26.12
C ASP B 315 27.37 -11.76 -26.86
N PRO B 316 27.26 -11.80 -28.19
CA PRO B 316 27.02 -10.53 -28.86
C PRO B 316 25.65 -9.93 -28.55
N ARG B 317 24.69 -10.76 -28.13
CA ARG B 317 23.38 -10.27 -27.66
C ARG B 317 23.52 -9.36 -26.43
N ILE B 318 24.45 -9.71 -25.55
CA ILE B 318 24.68 -8.95 -24.32
C ILE B 318 25.58 -7.75 -24.60
N ALA B 319 26.54 -7.92 -25.51
CA ALA B 319 27.37 -6.81 -25.97
C ALA B 319 26.52 -5.70 -26.55
N ALA B 320 25.51 -6.09 -27.33
CA ALA B 320 24.61 -5.12 -27.94
C ALA B 320 23.70 -4.45 -26.89
N THR B 321 23.25 -5.24 -25.90
CA THR B 321 22.45 -4.71 -24.80
C THR B 321 23.16 -3.55 -24.09
N MET B 322 24.45 -3.70 -23.83
CA MET B 322 25.23 -2.66 -23.17
C MET B 322 25.63 -1.52 -24.12
N GLU B 323 25.76 -1.82 -25.40
CA GLU B 323 26.12 -0.78 -26.36
C GLU B 323 24.95 0.16 -26.54
N ASN B 324 23.76 -0.39 -26.55
CA ASN B 324 22.56 0.42 -26.64
C ASN B 324 22.32 1.18 -25.34
N ALA B 325 22.49 0.52 -24.20
CA ALA B 325 22.25 1.16 -22.91
C ALA B 325 23.16 2.37 -22.74
N GLN B 326 24.38 2.26 -23.24
CA GLN B 326 25.38 3.31 -23.11
C GLN B 326 25.10 4.47 -24.07
N LYS B 327 24.32 4.21 -25.11
CA LYS B 327 23.91 5.27 -26.04
C LYS B 327 22.61 5.93 -25.60
N GLY B 328 21.95 5.35 -24.60
CA GLY B 328 20.63 5.80 -24.17
C GLY B 328 20.55 6.81 -23.02
N GLU B 329 19.38 6.86 -22.40
CA GLU B 329 19.15 7.70 -21.23
C GLU B 329 18.92 6.85 -20.01
N ILE B 330 19.52 7.21 -18.88
CA ILE B 330 19.14 6.63 -17.61
C ILE B 330 17.73 7.09 -17.24
N MET B 331 16.84 6.13 -17.00
CA MET B 331 15.44 6.42 -16.68
C MET B 331 15.34 7.10 -15.34
N PRO B 332 14.89 8.36 -15.32
CA PRO B 332 14.78 9.16 -14.09
C PRO B 332 14.04 8.42 -12.98
N ASN B 333 14.55 8.54 -11.75
CA ASN B 333 14.09 7.79 -10.56
C ASN B 333 12.94 8.43 -9.75
N ILE B 334 12.67 9.70 -9.99
CA ILE B 334 11.62 10.44 -9.29
C ILE B 334 10.22 9.98 -9.74
N PRO B 335 9.19 10.18 -8.90
CA PRO B 335 7.84 9.65 -9.21
C PRO B 335 7.03 10.53 -10.18
N GLN B 336 7.59 11.65 -10.60
CA GLN B 336 6.96 12.51 -11.59
C GLN B 336 6.95 11.84 -12.97
N MET B 337 7.78 10.80 -13.11
CA MET B 337 7.85 10.00 -14.32
C MET B 337 6.50 9.40 -14.69
N SER B 338 5.68 9.17 -13.68
CA SER B 338 4.34 8.64 -13.87
C SER B 338 3.52 9.57 -14.80
N ALA B 339 3.76 10.86 -14.68
CA ALA B 339 3.14 11.87 -15.51
C ALA B 339 3.73 11.85 -16.92
N PHE B 340 5.05 11.75 -16.99
CA PHE B 340 5.75 11.64 -18.26
C PHE B 340 5.16 10.50 -19.09
N TRP B 341 5.14 9.30 -18.54
CA TRP B 341 4.64 8.13 -19.26
C TRP B 341 3.25 8.41 -19.79
N TYR B 342 2.38 9.02 -18.99
CA TYR B 342 1.02 9.35 -19.46
C TYR B 342 1.06 10.29 -20.66
N ALA B 343 1.86 11.35 -20.51
CA ALA B 343 1.97 12.37 -21.51
C ALA B 343 2.40 11.80 -22.85
N VAL B 344 3.48 11.00 -22.85
CA VAL B 344 4.02 10.41 -24.06
C VAL B 344 3.16 9.25 -24.58
N ARG B 345 2.55 8.45 -23.70
CA ARG B 345 1.59 7.41 -24.12
C ARG B 345 0.44 8.02 -24.91
N THR B 346 -0.16 9.10 -24.43
CA THR B 346 -1.29 9.69 -25.13
C THR B 346 -0.84 10.47 -26.39
N ALA B 347 0.33 11.10 -26.35
CA ALA B 347 0.83 11.83 -27.52
C ALA B 347 1.07 10.90 -28.70
N VAL B 348 1.83 9.82 -28.49
CA VAL B 348 2.08 8.86 -29.55
C VAL B 348 0.80 8.28 -30.09
N ILE B 349 -0.05 7.80 -29.19
CA ILE B 349 -1.34 7.26 -29.61
C ILE B 349 -2.17 8.27 -30.43
N ASN B 350 -2.28 9.52 -29.96
CA ASN B 350 -3.04 10.52 -30.69
C ASN B 350 -2.42 10.89 -32.05
N ALA B 351 -1.11 11.03 -32.09
CA ALA B 351 -0.41 11.37 -33.32
C ALA B 351 -0.51 10.28 -34.39
N ALA B 352 -0.33 9.03 -33.99
CA ALA B 352 -0.35 7.90 -34.91
C ALA B 352 -1.75 7.60 -35.40
N SER B 353 -2.74 8.14 -34.74
CA SER B 353 -4.12 7.80 -35.07
C SER B 353 -4.69 8.84 -36.00
N GLY B 354 -4.05 10.00 -36.06
CA GLY B 354 -4.57 11.12 -36.82
C GLY B 354 -5.41 12.13 -36.04
N ARG B 355 -5.74 11.83 -34.77
CA ARG B 355 -6.61 12.70 -33.97
C ARG B 355 -5.97 14.04 -33.61
N GLN B 356 -4.65 14.08 -33.55
CA GLN B 356 -3.91 15.32 -33.31
C GLN B 356 -2.71 15.34 -34.22
N THR B 357 -2.22 16.53 -34.52
CA THR B 357 -0.94 16.67 -35.17
C THR B 357 0.19 16.32 -34.20
N VAL B 358 1.32 15.91 -34.74
CA VAL B 358 2.50 15.69 -33.95
C VAL B 358 2.82 16.89 -33.08
N ASP B 359 2.80 18.08 -33.66
CA ASP B 359 3.18 19.28 -32.93
C ASP B 359 2.25 19.61 -31.76
N GLU B 360 0.97 19.28 -31.91
CA GLU B 360 -0.01 19.57 -30.85
C GLU B 360 -0.01 18.48 -29.79
N ALA B 361 0.27 17.26 -30.21
CA ALA B 361 0.33 16.14 -29.29
C ALA B 361 1.46 16.38 -28.33
N LEU B 362 2.62 16.77 -28.85
CA LEU B 362 3.80 17.02 -28.01
C LEU B 362 3.69 18.33 -27.19
N ALA B 363 2.97 19.33 -27.69
CA ALA B 363 2.75 20.54 -26.92
C ALA B 363 1.95 20.25 -25.68
N ALA B 364 0.98 19.35 -25.84
CA ALA B 364 0.18 18.91 -24.71
C ALA B 364 0.99 17.98 -23.80
N ALA B 365 1.88 17.17 -24.39
CA ALA B 365 2.65 16.21 -23.60
C ALA B 365 3.67 16.93 -22.71
N GLN B 366 4.20 18.05 -23.18
CA GLN B 366 5.14 18.85 -22.42
C GLN B 366 4.49 19.46 -21.20
N THR B 367 3.20 19.76 -21.33
CA THR B 367 2.42 20.36 -20.27
C THR B 367 2.05 19.33 -19.22
N ASN B 368 1.57 18.19 -19.73
CA ASN B 368 1.11 17.08 -18.92
C ASN B 368 2.21 16.38 -18.15
N ALA B 369 3.41 16.35 -18.74
CA ALA B 369 4.57 15.72 -18.14
C ALA B 369 5.06 16.51 -16.92
N ALA B 370 4.81 17.82 -16.92
CA ALA B 370 5.25 18.71 -15.84
C ALA B 370 4.13 19.06 -14.88
N ALA B 371 2.95 18.52 -15.12
CA ALA B 371 1.78 18.92 -14.35
C ALA B 371 1.76 18.22 -13.00
N ASN B 372 0.94 18.73 -12.08
CA ASN B 372 0.73 18.11 -10.78
C ASN B 372 0.40 16.62 -10.94
N LEU B 373 1.08 15.77 -10.17
CA LEU B 373 1.00 14.32 -10.41
C LEU B 373 -0.41 13.82 -10.13
N GLU B 374 -1.13 14.51 -9.24
CA GLU B 374 -2.44 14.02 -8.84
C GLU B 374 -3.48 14.45 -9.86
N LYS B 375 -3.32 15.64 -10.44
CA LYS B 375 -4.24 16.06 -11.49
C LYS B 375 -4.15 15.08 -12.65
N ILE B 376 -2.94 14.53 -12.88
CA ILE B 376 -2.69 13.61 -13.98
C ILE B 376 -3.14 12.16 -13.73
N LYS B 377 -3.00 11.70 -12.49
CA LYS B 377 -3.42 10.35 -12.14
C LYS B 377 -4.95 10.27 -12.15
N LYS B 378 -5.59 11.36 -11.74
CA LYS B 378 -7.04 11.49 -11.84
C LYS B 378 -7.50 11.37 -13.29
N LEU B 379 -6.70 11.95 -14.18
CA LEU B 379 -6.98 11.95 -15.62
C LEU B 379 -6.98 10.57 -16.30
N ARG B 380 -6.09 9.67 -15.87
CA ARG B 380 -5.86 8.39 -16.55
C ARG B 380 -7.10 7.52 -16.86
N ASN B 381 -8.14 7.62 -16.05
CA ASN B 381 -9.33 6.79 -16.23
C ASN B 381 -10.20 7.21 -17.41
N VAL B 382 -10.01 8.43 -17.89
CA VAL B 382 -10.72 8.92 -19.07
C VAL B 382 -10.23 8.22 -20.34
N SER B 407 -13.05 -13.23 -23.01
CA SER B 407 -12.92 -13.09 -24.47
C SER B 407 -11.58 -12.43 -24.88
N ALA B 408 -10.49 -13.17 -24.65
CA ALA B 408 -9.14 -12.62 -24.69
C ALA B 408 -8.26 -13.30 -25.74
N TRP B 409 -8.82 -14.15 -26.59
CA TRP B 409 -7.98 -14.77 -27.59
C TRP B 409 -8.28 -14.16 -28.96
N LYS B 410 -7.22 -13.68 -29.62
CA LYS B 410 -7.32 -12.96 -30.88
C LYS B 410 -6.65 -13.75 -32.00
N VAL B 411 -7.29 -13.83 -33.16
CA VAL B 411 -6.65 -14.43 -34.34
C VAL B 411 -6.17 -13.37 -35.33
N ILE B 412 -4.89 -13.45 -35.65
CA ILE B 412 -4.19 -12.43 -36.41
C ILE B 412 -3.88 -12.94 -37.81
N LEU B 413 -4.24 -12.16 -38.83
CA LEU B 413 -3.93 -12.48 -40.23
C LEU B 413 -2.67 -11.74 -40.68
N TYR B 414 -1.78 -12.45 -41.36
CA TYR B 414 -0.54 -11.83 -41.86
C TYR B 414 -0.54 -11.57 -43.37
N ASN B 415 0.23 -10.55 -43.78
CA ASN B 415 0.66 -10.34 -45.18
C ASN B 415 1.43 -11.52 -45.69
N ASP B 416 0.76 -12.52 -46.23
CA ASP B 416 1.46 -13.70 -46.74
C ASP B 416 0.45 -14.42 -47.61
N ASP B 417 -0.53 -13.66 -48.10
CA ASP B 417 -1.65 -14.22 -48.81
C ASP B 417 -1.33 -14.41 -50.27
N ILE B 418 -0.03 -14.22 -50.58
CA ILE B 418 0.55 -14.24 -51.93
C ILE B 418 -0.52 -13.97 -52.98
N HIS B 419 -1.07 -12.77 -52.90
CA HIS B 419 -2.03 -12.24 -53.86
C HIS B 419 -3.40 -12.93 -53.84
N ASN B 420 -4.31 -12.33 -54.59
CA ASN B 420 -5.74 -12.70 -54.76
C ASN B 420 -6.58 -12.46 -53.48
N PHE B 421 -7.03 -11.21 -53.33
CA PHE B 421 -7.78 -10.73 -52.18
C PHE B 421 -9.18 -11.33 -52.08
N THR B 422 -9.72 -11.77 -53.22
CA THR B 422 -11.06 -12.35 -53.26
C THR B 422 -11.07 -13.72 -52.59
N TYR B 423 -10.08 -14.54 -52.92
CA TYR B 423 -9.94 -15.83 -52.28
C TYR B 423 -9.88 -15.70 -50.76
N VAL B 424 -8.99 -14.84 -50.28
CA VAL B 424 -8.80 -14.67 -48.85
C VAL B 424 -10.09 -14.17 -48.21
N THR B 425 -10.72 -13.17 -48.79
CA THR B 425 -12.02 -12.68 -48.30
C THR B 425 -13.02 -13.81 -48.16
N ASP B 426 -13.12 -14.64 -49.18
CA ASP B 426 -14.08 -15.74 -49.16
C ASP B 426 -13.77 -16.77 -48.09
N VAL B 427 -12.49 -17.07 -47.90
CA VAL B 427 -12.08 -18.02 -46.86
C VAL B 427 -12.51 -17.53 -45.48
N ILE B 428 -12.13 -16.30 -45.12
CA ILE B 428 -12.52 -15.70 -43.86
C ILE B 428 -14.02 -15.73 -43.71
N VAL B 429 -14.75 -15.42 -44.76
CA VAL B 429 -16.22 -15.42 -44.69
C VAL B 429 -16.74 -16.83 -44.39
N LYS B 430 -16.20 -17.84 -45.06
CA LYS B 430 -16.64 -19.23 -44.87
C LYS B 430 -16.33 -19.71 -43.46
N VAL B 431 -15.10 -19.49 -43.00
CA VAL B 431 -14.64 -19.97 -41.71
C VAL B 431 -15.26 -19.21 -40.53
N VAL B 432 -15.10 -17.90 -40.49
CA VAL B 432 -15.67 -17.11 -39.40
C VAL B 432 -17.09 -16.76 -39.78
N GLY B 433 -18.04 -17.38 -39.09
CA GLY B 433 -19.44 -17.24 -39.39
C GLY B 433 -19.91 -15.81 -39.33
N GLN B 434 -19.63 -15.18 -38.21
CA GLN B 434 -20.00 -13.78 -37.96
C GLN B 434 -19.59 -12.78 -39.05
N ILE B 435 -18.33 -12.84 -39.48
CA ILE B 435 -17.74 -11.77 -40.31
C ILE B 435 -18.43 -11.62 -41.68
N SER B 436 -18.84 -10.40 -42.03
CA SER B 436 -19.40 -10.13 -43.36
C SER B 436 -18.32 -10.07 -44.44
N LYS B 437 -18.72 -10.10 -45.71
CA LYS B 437 -17.77 -10.02 -46.81
C LYS B 437 -16.99 -8.70 -46.76
N ALA B 438 -17.68 -7.61 -46.43
CA ALA B 438 -17.05 -6.29 -46.38
C ALA B 438 -15.98 -6.21 -45.31
N LYS B 439 -16.32 -6.67 -44.10
CA LYS B 439 -15.37 -6.64 -43.00
C LYS B 439 -14.20 -7.56 -43.35
N ALA B 440 -14.53 -8.75 -43.87
CA ALA B 440 -13.52 -9.72 -44.26
C ALA B 440 -12.55 -9.13 -45.27
N HIS B 441 -13.08 -8.41 -46.25
CA HIS B 441 -12.26 -7.81 -47.28
C HIS B 441 -11.38 -6.72 -46.70
N THR B 442 -11.91 -5.94 -45.78
CA THR B 442 -11.13 -4.91 -45.12
C THR B 442 -10.00 -5.50 -44.28
N ILE B 443 -10.27 -6.61 -43.59
CA ILE B 443 -9.21 -7.31 -42.85
C ILE B 443 -8.06 -7.68 -43.80
N THR B 444 -8.40 -8.31 -44.91
CA THR B 444 -7.43 -8.76 -45.92
C THR B 444 -6.55 -7.64 -46.47
N VAL B 445 -7.17 -6.50 -46.78
CA VAL B 445 -6.40 -5.35 -47.30
C VAL B 445 -5.49 -4.77 -46.20
N GLU B 446 -5.99 -4.69 -44.97
CA GLU B 446 -5.20 -4.17 -43.86
C GLU B 446 -4.00 -5.06 -43.58
N ALA B 447 -4.21 -6.37 -43.65
CA ALA B 447 -3.12 -7.34 -43.44
C ALA B 447 -2.05 -7.22 -44.52
N HIS B 448 -2.50 -7.21 -45.78
CA HIS B 448 -1.60 -7.11 -46.92
C HIS B 448 -0.92 -5.74 -46.99
N SER B 449 -1.62 -4.70 -46.62
CA SER B 449 -1.02 -3.38 -46.54
C SER B 449 0.04 -3.24 -45.43
N THR B 450 -0.35 -3.53 -44.19
CA THR B 450 0.49 -3.19 -43.05
C THR B 450 1.41 -4.33 -42.60
N GLY B 451 1.05 -5.56 -42.94
CA GLY B 451 1.86 -6.68 -42.48
C GLY B 451 1.07 -7.61 -41.60
N GLN B 452 -0.03 -7.10 -41.03
CA GLN B 452 -0.76 -7.79 -39.99
C GLN B 452 -2.14 -7.17 -39.83
N ALA B 453 -3.17 -7.98 -39.57
CA ALA B 453 -4.51 -7.45 -39.28
C ALA B 453 -5.32 -8.38 -38.40
N LEU B 454 -6.10 -7.79 -37.49
CA LEU B 454 -6.95 -8.57 -36.62
C LEU B 454 -8.20 -9.08 -37.33
N ILE B 455 -8.49 -10.37 -37.17
CA ILE B 455 -9.68 -11.00 -37.72
C ILE B 455 -10.86 -10.99 -36.75
N LEU B 456 -10.61 -11.47 -35.54
CA LEU B 456 -11.66 -11.55 -34.53
C LEU B 456 -11.08 -11.80 -33.15
N SER B 457 -11.84 -11.48 -32.13
CA SER B 457 -11.44 -11.75 -30.76
C SER B 457 -12.50 -12.55 -30.01
N THR B 458 -12.21 -13.82 -29.70
CA THR B 458 -13.07 -14.61 -28.82
C THR B 458 -12.31 -15.41 -27.78
N TRP B 459 -12.88 -16.55 -27.41
CA TRP B 459 -12.37 -17.38 -26.32
C TRP B 459 -11.56 -18.56 -26.88
N LYS B 460 -10.63 -19.08 -26.07
CA LYS B 460 -9.62 -20.03 -26.52
C LYS B 460 -10.15 -21.14 -27.44
N SER B 461 -11.29 -21.72 -27.08
CA SER B 461 -11.91 -22.76 -27.89
C SER B 461 -12.23 -22.27 -29.33
N LYS B 462 -12.99 -21.18 -29.45
CA LYS B 462 -13.37 -20.59 -30.74
C LYS B 462 -12.17 -20.13 -31.59
N ALA B 463 -11.27 -19.37 -30.97
CA ALA B 463 -10.04 -18.91 -31.62
C ALA B 463 -9.16 -20.04 -32.18
N GLU B 464 -9.10 -21.17 -31.49
CA GLU B 464 -8.26 -22.26 -31.95
C GLU B 464 -8.91 -22.95 -33.14
N LYS B 465 -10.23 -23.12 -33.08
CA LYS B 465 -10.95 -23.75 -34.19
C LYS B 465 -10.69 -22.97 -35.46
N TYR B 466 -10.95 -21.67 -35.39
CA TYR B 466 -10.87 -20.78 -36.52
C TYR B 466 -9.42 -20.67 -37.04
N CYS B 467 -8.45 -20.48 -36.15
CA CYS B 467 -7.07 -20.34 -36.62
C CYS B 467 -6.71 -21.59 -37.38
N GLN B 468 -7.08 -22.76 -36.86
CA GLN B 468 -6.75 -24.01 -37.54
C GLN B 468 -7.43 -24.05 -38.91
N GLU B 469 -8.71 -23.71 -38.96
CA GLU B 469 -9.45 -23.66 -40.22
C GLU B 469 -8.90 -22.67 -41.24
N LEU B 470 -8.55 -21.47 -40.78
CA LEU B 470 -7.96 -20.48 -41.67
C LEU B 470 -6.64 -21.01 -42.22
N GLN B 471 -5.86 -21.68 -41.37
CA GLN B 471 -4.55 -22.16 -41.81
C GLN B 471 -4.70 -23.25 -42.87
N GLN B 472 -5.66 -24.14 -42.65
CA GLN B 472 -5.91 -25.24 -43.57
C GLN B 472 -6.34 -24.78 -44.94
N ASN B 473 -6.95 -23.59 -45.03
CA ASN B 473 -7.36 -23.05 -46.32
C ASN B 473 -6.31 -22.12 -46.92
N GLY B 474 -5.12 -22.10 -46.34
CA GLY B 474 -4.01 -21.42 -46.98
C GLY B 474 -3.65 -20.03 -46.51
N LEU B 475 -4.38 -19.53 -45.53
CA LEU B 475 -4.06 -18.25 -44.92
C LEU B 475 -2.93 -18.41 -43.90
N THR B 476 -2.23 -17.32 -43.62
CA THR B 476 -1.10 -17.33 -42.67
C THR B 476 -1.53 -16.65 -41.37
N VAL B 477 -1.69 -17.43 -40.31
CA VAL B 477 -2.40 -16.89 -39.16
C VAL B 477 -1.69 -17.13 -37.83
N SER B 478 -1.89 -16.25 -36.87
CA SER B 478 -1.44 -16.48 -35.50
C SER B 478 -2.60 -16.47 -34.52
N ILE B 479 -2.42 -17.11 -33.37
CA ILE B 479 -3.40 -16.96 -32.30
C ILE B 479 -2.65 -16.42 -31.09
N ILE B 480 -3.29 -15.47 -30.38
CA ILE B 480 -2.61 -14.65 -29.38
C ILE B 480 -3.47 -14.36 -28.16
N HIS B 481 -2.84 -14.37 -26.97
CA HIS B 481 -3.43 -13.93 -25.69
C HIS B 481 -2.68 -12.63 -25.32
N GLU B 482 -3.34 -11.53 -24.96
CA GLU B 482 -4.72 -11.48 -24.48
C GLU B 482 -5.63 -10.78 -25.48
#